data_6M6M
#
_entry.id   6M6M
#
_cell.length_a   52.734
_cell.length_b   95.432
_cell.length_c   93.382
_cell.angle_alpha   90.00
_cell.angle_beta   90.76
_cell.angle_gamma   90.00
#
_symmetry.space_group_name_H-M   'P 1 21 1'
#
loop_
_entity.id
_entity.type
_entity.pdbx_description
1 polymer Beta-glucosidase
2 non-polymer 2-AMINO-2-HYDROXYMETHYL-PROPANE-1,3-DIOL
3 water water
#
_entity_poly.entity_id   1
_entity_poly.type   'polypeptide(L)'
_entity_poly.pdbx_seq_one_letter_code
;FMVELSPLRQDFVWGTATSAYQIEGAVADDGRLPSIWDTFCRVPGAIDNGDTGDVACDSYHRWPEDLALLKQLGVDAYRF
SIAWPRVIPTGSGAVNTAGLDYYDRVVDDLLAEGIKPFVTLYHWDLPQALQDLGGWDNRDTAYRFAEYAAVVGAKLGDRV
RDWVTLNEPLCSAWIGHWEGRMAPGITDPAIAVRASYNLLLAHGLGVAALRDACPEPPAVGLVVNLSGCEPASQSPEDIR
AARIADGHFNRWWLDPTSGRGFPADMVETYGVELPERPGDLEIIAAPTDFIGLNYYFRQIIEADGSVPVLGFSQVPGPNA
EHTMIDWEVHPAGLEELILRLAKEYGAEKIYVTENGSAWVDQPDAEFAVDDPDRTAYLEEHLAACVRAVEQGAPLAGYFA
WSLMDNFEWARGYAPRFGLAYVDYPTGTRVMKTSGKRYADLIRGHRE
;
_entity_poly.pdbx_strand_id   A,B
#
loop_
_chem_comp.id
_chem_comp.type
_chem_comp.name
_chem_comp.formula
TRS non-polymer 2-AMINO-2-HYDROXYMETHYL-PROPANE-1,3-DIOL 'C4 H12 N O3 1'
#
# COMPACT_ATOMS: atom_id res chain seq x y z
N PHE A 1 22.27 -2.12 43.62
CA PHE A 1 21.93 -0.69 43.61
C PHE A 1 20.42 -0.46 43.73
N MET A 2 20.05 0.47 44.60
CA MET A 2 18.66 0.87 44.80
C MET A 2 18.56 2.37 44.68
N VAL A 3 17.71 2.85 43.77
CA VAL A 3 17.68 4.26 43.42
C VAL A 3 16.94 5.04 44.50
N GLU A 4 17.43 6.25 44.79
CA GLU A 4 16.78 7.15 45.74
C GLU A 4 16.06 8.25 44.96
N LEU A 5 14.75 8.31 45.11
CA LEU A 5 13.90 9.18 44.30
C LEU A 5 13.44 10.43 45.04
N SER A 6 13.82 10.58 46.31
CA SER A 6 13.30 11.69 47.10
C SER A 6 13.55 13.09 46.51
N PRO A 7 14.62 13.36 45.76
CA PRO A 7 14.74 14.71 45.16
C PRO A 7 13.68 15.05 44.12
N LEU A 8 12.91 14.08 43.63
CA LEU A 8 11.87 14.37 42.65
C LEU A 8 10.67 14.99 43.36
N ARG A 9 10.13 16.07 42.77
CA ARG A 9 8.92 16.69 43.29
C ARG A 9 7.78 15.68 43.36
N GLN A 10 6.84 15.93 44.28
CA GLN A 10 5.71 15.02 44.46
C GLN A 10 4.78 15.01 43.26
N ASP A 11 4.72 16.10 42.49
CA ASP A 11 3.87 16.14 41.30
C ASP A 11 4.59 15.57 40.07
N PHE A 12 5.77 14.97 40.24
CA PHE A 12 6.40 14.21 39.17
C PHE A 12 5.42 13.15 38.64
N VAL A 13 5.40 12.98 37.33
CA VAL A 13 4.45 12.08 36.67
C VAL A 13 5.12 10.73 36.42
N TRP A 14 4.61 9.70 37.06
CA TRP A 14 5.10 8.34 36.83
C TRP A 14 4.20 7.65 35.81
N GLY A 15 4.81 7.15 34.72
CA GLY A 15 4.01 6.62 33.63
C GLY A 15 4.63 5.38 33.00
N THR A 16 3.90 4.86 32.02
CA THR A 16 4.37 3.80 31.13
C THR A 16 3.65 4.00 29.80
N ALA A 17 4.19 3.38 28.74
CA ALA A 17 3.75 3.72 27.40
C ALA A 17 3.59 2.49 26.52
N THR A 18 2.69 2.61 25.54
CA THR A 18 2.51 1.69 24.44
C THR A 18 2.24 2.49 23.18
N SER A 19 2.06 1.81 22.05
CA SER A 19 1.51 2.44 20.85
C SER A 19 0.54 1.47 20.19
N ALA A 20 -0.30 2.02 19.30
CA ALA A 20 -1.48 1.30 18.83
C ALA A 20 -1.11 0.06 18.02
N TYR A 21 -0.31 0.24 16.96
CA TYR A 21 -0.03 -0.91 16.11
C TYR A 21 0.78 -1.96 16.86
N GLN A 22 1.55 -1.55 17.86
CA GLN A 22 2.35 -2.53 18.58
C GLN A 22 1.52 -3.41 19.52
N ILE A 23 0.31 -2.99 19.92
CA ILE A 23 -0.43 -3.79 20.91
C ILE A 23 -1.83 -4.21 20.47
N GLU A 24 -2.46 -3.46 19.57
CA GLU A 24 -3.92 -3.53 19.47
C GLU A 24 -4.40 -4.81 18.76
N GLY A 25 -3.71 -5.24 17.71
CA GLY A 25 -4.31 -6.31 16.92
C GLY A 25 -5.59 -5.84 16.27
N ALA A 26 -6.52 -6.78 16.04
CA ALA A 26 -7.84 -6.48 15.49
C ALA A 26 -7.74 -5.56 14.27
N VAL A 27 -6.80 -5.90 13.38
CA VAL A 27 -6.42 -4.96 12.32
C VAL A 27 -7.53 -4.80 11.28
N ALA A 28 -8.44 -5.77 11.18
CA ALA A 28 -9.53 -5.66 10.21
C ALA A 28 -10.88 -5.51 10.90
N ASP A 29 -10.89 -5.23 12.20
CA ASP A 29 -12.13 -5.17 12.97
C ASP A 29 -12.67 -3.75 13.06
N ASP A 30 -14.01 -3.65 13.10
CA ASP A 30 -14.72 -2.42 13.48
C ASP A 30 -14.29 -1.22 12.64
N GLY A 31 -14.18 -1.42 11.33
CA GLY A 31 -13.99 -0.32 10.42
C GLY A 31 -12.55 0.09 10.19
N ARG A 32 -11.59 -0.51 10.87
CA ARG A 32 -10.19 -0.16 10.61
C ARG A 32 -9.79 -0.54 9.19
N LEU A 33 -9.01 0.32 8.54
CA LEU A 33 -8.36 0.04 7.27
C LEU A 33 -6.85 -0.10 7.47
N PRO A 34 -6.13 -0.69 6.51
CA PRO A 34 -4.70 -0.95 6.73
C PRO A 34 -3.87 0.32 6.85
N SER A 35 -2.83 0.25 7.68
CA SER A 35 -1.78 1.26 7.74
C SER A 35 -0.59 0.80 6.91
N ILE A 36 0.41 1.68 6.80
CA ILE A 36 1.62 1.32 6.08
C ILE A 36 2.35 0.17 6.78
N TRP A 37 2.15 0.00 8.08
CA TRP A 37 2.80 -1.12 8.76
C TRP A 37 2.10 -2.46 8.47
N ASP A 38 0.76 -2.46 8.37
CA ASP A 38 0.08 -3.64 7.84
C ASP A 38 0.73 -4.08 6.53
N THR A 39 0.93 -3.11 5.62
CA THR A 39 1.50 -3.39 4.30
C THR A 39 2.93 -3.89 4.40
N PHE A 40 3.74 -3.21 5.22
CA PHE A 40 5.14 -3.60 5.40
C PHE A 40 5.25 -5.02 5.93
N CYS A 41 4.33 -5.44 6.79
CA CYS A 41 4.36 -6.80 7.33
C CYS A 41 4.05 -7.87 6.27
N ARG A 42 3.52 -7.50 5.11
CA ARG A 42 3.30 -8.47 4.04
C ARG A 42 4.49 -8.56 3.08
N VAL A 43 5.53 -7.75 3.28
CA VAL A 43 6.72 -7.79 2.43
C VAL A 43 7.63 -8.91 2.95
N PRO A 44 7.91 -9.94 2.15
CA PRO A 44 8.83 -10.99 2.63
C PRO A 44 10.17 -10.39 3.05
N GLY A 45 10.63 -10.80 4.22
CA GLY A 45 11.90 -10.33 4.73
C GLY A 45 11.88 -9.01 5.47
N ALA A 46 10.78 -8.25 5.44
CA ALA A 46 10.75 -6.95 6.10
C ALA A 46 10.81 -7.08 7.63
N ILE A 47 10.11 -8.06 8.19
CA ILE A 47 10.00 -8.24 9.64
C ILE A 47 10.73 -9.52 10.02
N ASP A 48 11.61 -9.44 11.03
CA ASP A 48 12.27 -10.63 11.54
C ASP A 48 11.25 -11.72 11.84
N ASN A 49 11.58 -12.95 11.45
CA ASN A 49 10.75 -14.13 11.68
C ASN A 49 9.40 -14.06 10.99
N GLY A 50 9.18 -13.07 10.11
CA GLY A 50 7.88 -12.97 9.49
C GLY A 50 6.75 -12.62 10.44
N ASP A 51 7.06 -12.00 11.58
CA ASP A 51 6.03 -11.55 12.50
C ASP A 51 5.18 -10.44 11.87
N THR A 52 3.96 -10.28 12.39
CA THR A 52 3.07 -9.17 11.99
C THR A 52 2.34 -8.62 13.22
N GLY A 53 1.73 -7.47 13.04
CA GLY A 53 0.89 -6.90 14.08
C GLY A 53 -0.58 -7.30 13.98
N ASP A 54 -0.90 -8.37 13.25
CA ASP A 54 -2.30 -8.73 13.03
C ASP A 54 -3.02 -8.96 14.36
N VAL A 55 -2.34 -9.56 15.33
CA VAL A 55 -2.93 -9.86 16.63
C VAL A 55 -2.23 -9.12 17.75
N ALA A 56 -0.89 -9.16 17.77
CA ALA A 56 -0.08 -8.47 18.78
C ALA A 56 -0.58 -8.87 20.17
N CYS A 57 -0.89 -7.92 21.05
CA CYS A 57 -1.41 -8.24 22.38
C CYS A 57 -2.93 -8.24 22.42
N ASP A 58 -3.59 -8.01 21.28
CA ASP A 58 -5.05 -8.01 21.22
C ASP A 58 -5.66 -6.97 22.16
N SER A 59 -4.97 -5.83 22.35
CA SER A 59 -5.45 -4.81 23.29
C SER A 59 -6.74 -4.15 22.82
N TYR A 60 -7.08 -4.23 21.53
CA TYR A 60 -8.37 -3.72 21.11
C TYR A 60 -9.50 -4.48 21.80
N HIS A 61 -9.37 -5.80 21.89
CA HIS A 61 -10.39 -6.62 22.55
C HIS A 61 -10.09 -6.89 24.03
N ARG A 62 -8.85 -6.66 24.48
CA ARG A 62 -8.42 -7.00 25.84
C ARG A 62 -7.95 -5.77 26.62
N TRP A 63 -8.40 -4.59 26.24
CA TRP A 63 -8.07 -3.38 26.99
C TRP A 63 -8.20 -3.52 28.50
N PRO A 64 -9.25 -4.13 29.07
CA PRO A 64 -9.33 -4.23 30.53
C PRO A 64 -8.15 -4.94 31.17
N GLU A 65 -7.49 -5.87 30.47
CA GLU A 65 -6.31 -6.53 31.03
C GLU A 65 -5.11 -5.58 31.08
N ASP A 66 -5.00 -4.68 30.09
CA ASP A 66 -4.03 -3.59 30.17
C ASP A 66 -4.32 -2.69 31.36
N LEU A 67 -5.60 -2.33 31.54
CA LEU A 67 -5.96 -1.47 32.67
C LEU A 67 -5.61 -2.13 34.00
N ALA A 68 -5.84 -3.45 34.12
CA ALA A 68 -5.42 -4.15 35.34
C ALA A 68 -3.91 -4.04 35.56
N LEU A 69 -3.11 -4.18 34.49
CA LEU A 69 -1.66 -3.97 34.66
C LEU A 69 -1.36 -2.55 35.14
N LEU A 70 -2.01 -1.54 34.54
CA LEU A 70 -1.76 -0.15 34.91
C LEU A 70 -2.11 0.11 36.37
N LYS A 71 -3.23 -0.46 36.84
CA LYS A 71 -3.58 -0.35 38.25
C LYS A 71 -2.54 -1.03 39.12
N GLN A 72 -2.05 -2.20 38.70
CA GLN A 72 -1.02 -2.88 39.48
C GLN A 72 0.24 -2.02 39.60
N LEU A 73 0.61 -1.31 38.53
CA LEU A 73 1.81 -0.46 38.59
C LEU A 73 1.61 0.74 39.51
N GLY A 74 0.38 1.23 39.61
CA GLY A 74 0.13 2.47 40.33
C GLY A 74 0.66 3.71 39.65
N VAL A 75 0.82 3.70 38.32
CA VAL A 75 1.29 4.89 37.60
C VAL A 75 0.27 6.01 37.68
N ASP A 76 0.77 7.26 37.60
CA ASP A 76 -0.06 8.44 37.47
C ASP A 76 -0.61 8.61 36.06
N ALA A 77 0.06 8.07 35.04
CA ALA A 77 -0.26 8.41 33.67
C ALA A 77 0.02 7.22 32.76
N TYR A 78 -0.71 7.19 31.64
CA TYR A 78 -0.55 6.15 30.64
C TYR A 78 -0.40 6.83 29.29
N ARG A 79 0.73 6.57 28.63
CA ARG A 79 0.98 7.09 27.29
C ARG A 79 0.59 6.01 26.27
N PHE A 80 -0.38 6.31 25.43
CA PHE A 80 -0.80 5.39 24.39
C PHE A 80 -1.03 6.19 23.11
N SER A 81 -1.20 5.50 22.00
CA SER A 81 -1.39 6.20 20.75
C SER A 81 -2.76 5.84 20.16
N ILE A 82 -3.27 6.78 19.38
CA ILE A 82 -4.50 6.60 18.60
C ILE A 82 -4.10 6.06 17.24
N ALA A 83 -4.82 5.05 16.75
CA ALA A 83 -4.60 4.54 15.40
C ALA A 83 -5.38 5.40 14.42
N TRP A 84 -4.66 6.26 13.68
CA TRP A 84 -5.26 7.03 12.59
C TRP A 84 -6.13 6.19 11.67
N PRO A 85 -5.69 5.01 11.19
CA PRO A 85 -6.56 4.23 10.28
C PRO A 85 -7.73 3.58 10.98
N ARG A 86 -7.81 3.66 12.30
CA ARG A 86 -9.01 3.24 13.02
C ARG A 86 -10.02 4.36 13.13
N VAL A 87 -9.57 5.62 13.10
CA VAL A 87 -10.42 6.77 13.34
C VAL A 87 -10.86 7.43 12.03
N ILE A 88 -9.93 7.64 11.11
CA ILE A 88 -10.25 8.13 9.78
C ILE A 88 -9.60 7.14 8.81
N PRO A 89 -10.27 6.02 8.51
CA PRO A 89 -9.59 4.87 7.90
C PRO A 89 -8.90 5.13 6.58
N THR A 90 -9.46 5.96 5.71
CA THR A 90 -8.79 6.33 4.47
C THR A 90 -7.82 7.48 4.63
N GLY A 91 -7.75 8.09 5.81
CA GLY A 91 -6.95 9.28 5.98
C GLY A 91 -7.61 10.56 5.55
N SER A 92 -8.81 10.50 4.97
CA SER A 92 -9.56 11.71 4.63
C SER A 92 -11.05 11.42 4.80
N GLY A 93 -11.82 12.49 4.95
CA GLY A 93 -13.27 12.37 4.93
C GLY A 93 -13.91 11.74 6.15
N ALA A 94 -14.53 10.58 5.96
CA ALA A 94 -15.43 10.01 6.96
C ALA A 94 -14.69 9.56 8.22
N VAL A 95 -15.28 9.88 9.39
CA VAL A 95 -14.80 9.41 10.68
C VAL A 95 -15.47 8.08 11.00
N ASN A 96 -14.67 7.12 11.48
CA ASN A 96 -15.16 5.78 11.84
C ASN A 96 -15.58 5.79 13.30
N THR A 97 -16.90 5.86 13.53
CA THR A 97 -17.42 6.10 14.89
C THR A 97 -16.94 5.04 15.89
N ALA A 98 -17.00 3.75 15.51
CA ALA A 98 -16.62 2.70 16.46
C ALA A 98 -15.16 2.82 16.88
N GLY A 99 -14.30 3.19 15.93
CA GLY A 99 -12.89 3.35 16.26
C GLY A 99 -12.67 4.45 17.29
N LEU A 100 -13.28 5.60 17.07
CA LEU A 100 -13.14 6.71 18.01
C LEU A 100 -13.75 6.37 19.37
N ASP A 101 -14.88 5.63 19.36
CA ASP A 101 -15.53 5.22 20.60
C ASP A 101 -14.61 4.38 21.47
N TYR A 102 -13.82 3.48 20.85
CA TYR A 102 -12.87 2.68 21.62
C TYR A 102 -11.95 3.57 22.48
N TYR A 103 -11.37 4.60 21.86
CA TYR A 103 -10.46 5.47 22.62
C TYR A 103 -11.21 6.35 23.61
N ASP A 104 -12.43 6.78 23.27
CA ASP A 104 -13.25 7.49 24.25
C ASP A 104 -13.45 6.66 25.51
N ARG A 105 -13.74 5.37 25.34
CA ARG A 105 -13.94 4.46 26.47
C ARG A 105 -12.64 4.25 27.23
N VAL A 106 -11.52 4.10 26.53
CA VAL A 106 -10.22 3.97 27.18
C VAL A 106 -9.97 5.18 28.09
N VAL A 107 -10.23 6.38 27.57
CA VAL A 107 -10.01 7.61 28.35
C VAL A 107 -10.87 7.61 29.61
N ASP A 108 -12.17 7.30 29.46
CA ASP A 108 -13.04 7.27 30.63
C ASP A 108 -12.55 6.26 31.67
N ASP A 109 -12.14 5.06 31.23
CA ASP A 109 -11.68 4.03 32.18
C ASP A 109 -10.40 4.44 32.92
N LEU A 110 -9.44 5.00 32.19
CA LEU A 110 -8.22 5.51 32.83
C LEU A 110 -8.58 6.52 33.91
N LEU A 111 -9.40 7.51 33.56
CA LEU A 111 -9.74 8.56 34.50
C LEU A 111 -10.48 8.00 35.70
N ALA A 112 -11.36 7.01 35.48
CA ALA A 112 -12.04 6.37 36.60
C ALA A 112 -11.05 5.71 37.55
N GLU A 113 -9.89 5.25 37.05
CA GLU A 113 -8.87 4.72 37.95
C GLU A 113 -7.85 5.77 38.40
N GLY A 114 -8.10 7.04 38.13
CA GLY A 114 -7.16 8.08 38.52
C GLY A 114 -5.87 8.11 37.72
N ILE A 115 -5.89 7.68 36.46
CA ILE A 115 -4.71 7.66 35.60
C ILE A 115 -4.93 8.67 34.48
N LYS A 116 -3.96 9.56 34.29
CA LYS A 116 -4.04 10.59 33.24
C LYS A 116 -3.66 10.00 31.87
N PRO A 117 -4.48 10.22 30.85
CA PRO A 117 -4.09 9.81 29.48
C PRO A 117 -3.10 10.80 28.86
N PHE A 118 -2.00 10.28 28.32
CA PHE A 118 -1.04 11.04 27.51
C PHE A 118 -1.13 10.47 26.10
N VAL A 119 -1.79 11.19 25.20
CA VAL A 119 -2.21 10.63 23.91
C VAL A 119 -1.23 11.04 22.82
N THR A 120 -0.67 10.04 22.13
CA THR A 120 0.10 10.25 20.92
C THR A 120 -0.82 10.14 19.71
N LEU A 121 -0.82 11.17 18.84
CA LEU A 121 -1.68 11.13 17.65
C LEU A 121 -1.10 10.26 16.55
N TYR A 122 0.18 10.45 16.23
CA TYR A 122 0.84 9.71 15.14
C TYR A 122 1.97 8.87 15.70
N HIS A 123 1.77 7.55 15.70
CA HIS A 123 2.83 6.66 16.11
C HIS A 123 3.12 5.67 14.99
N TRP A 124 3.32 6.20 13.77
CA TRP A 124 3.90 5.56 12.59
C TRP A 124 2.88 4.85 11.71
N ASP A 125 1.64 4.68 12.15
CA ASP A 125 0.67 3.89 11.40
C ASP A 125 -0.12 4.77 10.44
N LEU A 126 0.61 5.36 9.49
CA LEU A 126 -0.02 6.15 8.45
C LEU A 126 -1.02 5.28 7.68
N PRO A 127 -2.26 5.76 7.45
CA PRO A 127 -3.19 4.98 6.62
C PRO A 127 -2.58 4.68 5.26
N GLN A 128 -2.65 3.41 4.86
CA GLN A 128 -2.10 3.03 3.56
C GLN A 128 -2.70 3.85 2.43
N ALA A 129 -3.97 4.24 2.56
CA ALA A 129 -4.61 5.04 1.51
C ALA A 129 -3.88 6.38 1.30
N LEU A 130 -3.33 6.96 2.37
CA LEU A 130 -2.57 8.19 2.18
C LEU A 130 -1.20 7.92 1.57
N GLN A 131 -0.59 6.79 1.90
CA GLN A 131 0.66 6.38 1.25
C GLN A 131 0.46 6.17 -0.24
N ASP A 132 -0.72 5.69 -0.65
CA ASP A 132 -1.02 5.54 -2.07
C ASP A 132 -1.11 6.88 -2.79
N LEU A 133 -1.15 8.00 -2.06
CA LEU A 133 -1.08 9.34 -2.63
C LEU A 133 0.30 9.96 -2.49
N GLY A 134 1.31 9.17 -2.11
CA GLY A 134 2.66 9.66 -1.89
C GLY A 134 3.06 9.73 -0.44
N GLY A 135 2.10 9.60 0.49
CA GLY A 135 2.44 9.57 1.90
C GLY A 135 3.11 10.85 2.35
N TRP A 136 4.20 10.69 3.12
CA TRP A 136 4.88 11.87 3.66
C TRP A 136 5.67 12.65 2.62
N ASP A 137 5.76 12.17 1.38
CA ASP A 137 6.30 12.98 0.29
C ASP A 137 5.21 13.81 -0.38
N ASN A 138 4.02 13.85 0.20
CA ASN A 138 2.91 14.65 -0.31
C ASN A 138 2.52 15.59 0.82
N ARG A 139 2.73 16.89 0.61
CA ARG A 139 2.37 17.91 1.60
C ARG A 139 0.93 17.77 2.10
N ASP A 140 0.02 17.32 1.23
CA ASP A 140 -1.38 17.11 1.61
C ASP A 140 -1.49 16.24 2.86
N THR A 141 -0.58 15.27 3.02
CA THR A 141 -0.65 14.38 4.17
C THR A 141 -0.57 15.15 5.48
N ALA A 142 0.24 16.21 5.52
CA ALA A 142 0.32 17.00 6.74
C ALA A 142 -1.03 17.63 7.06
N TYR A 143 -1.75 18.11 6.04
CA TYR A 143 -3.07 18.67 6.31
C TYR A 143 -4.05 17.57 6.69
N ARG A 144 -3.91 16.38 6.11
CA ARG A 144 -4.76 15.28 6.57
C ARG A 144 -4.50 15.02 8.03
N PHE A 145 -3.24 15.11 8.45
CA PHE A 145 -2.95 14.84 9.86
C PHE A 145 -3.63 15.87 10.74
N ALA A 146 -3.60 17.14 10.30
CA ALA A 146 -4.19 18.19 11.12
C ALA A 146 -5.68 17.98 11.25
N GLU A 147 -6.32 17.55 10.15
CA GLU A 147 -7.76 17.26 10.23
C GLU A 147 -8.01 16.17 11.25
N TYR A 148 -7.19 15.12 11.21
CA TYR A 148 -7.31 14.02 12.16
C TYR A 148 -7.10 14.54 13.58
N ALA A 149 -6.10 15.39 13.79
CA ALA A 149 -5.88 15.92 15.14
C ALA A 149 -7.13 16.63 15.63
N ALA A 150 -7.77 17.42 14.75
CA ALA A 150 -8.92 18.20 15.20
C ALA A 150 -10.07 17.27 15.54
N VAL A 151 -10.22 16.16 14.79
CA VAL A 151 -11.27 15.21 15.11
C VAL A 151 -11.04 14.60 16.48
N VAL A 152 -9.78 14.22 16.77
CA VAL A 152 -9.53 13.52 18.02
C VAL A 152 -9.61 14.51 19.19
N GLY A 153 -9.04 15.70 19.01
CA GLY A 153 -9.08 16.71 20.07
C GLY A 153 -10.50 17.13 20.42
N ALA A 154 -11.36 17.31 19.41
CA ALA A 154 -12.74 17.66 19.68
C ALA A 154 -13.43 16.57 20.51
N LYS A 155 -13.08 15.30 20.27
CA LYS A 155 -13.78 14.22 20.96
C LYS A 155 -13.21 13.99 22.37
N LEU A 156 -11.90 13.99 22.50
CA LEU A 156 -11.25 13.59 23.74
C LEU A 156 -10.71 14.76 24.55
N GLY A 157 -10.58 15.93 23.96
CA GLY A 157 -9.89 17.06 24.58
C GLY A 157 -10.61 17.78 25.68
N ASP A 158 -11.80 17.31 26.09
CA ASP A 158 -12.40 17.77 27.33
C ASP A 158 -11.79 17.08 28.54
N ARG A 159 -11.19 15.91 28.33
CA ARG A 159 -10.63 15.05 29.37
C ARG A 159 -9.14 14.81 29.22
N VAL A 160 -8.68 14.57 27.98
CA VAL A 160 -7.26 14.48 27.70
C VAL A 160 -6.69 15.89 27.67
N ARG A 161 -5.67 16.16 28.48
CA ARG A 161 -5.04 17.46 28.54
C ARG A 161 -3.59 17.44 28.10
N ASP A 162 -3.04 16.27 27.76
CA ASP A 162 -1.63 16.10 27.47
C ASP A 162 -1.50 15.30 26.20
N TRP A 163 -0.92 15.91 25.17
CA TRP A 163 -0.95 15.41 23.81
C TRP A 163 0.45 15.42 23.21
N VAL A 164 0.76 14.36 22.47
CA VAL A 164 1.93 14.29 21.61
C VAL A 164 1.45 14.27 20.17
N THR A 165 2.06 15.09 19.32
CA THR A 165 1.74 15.10 17.89
C THR A 165 2.34 13.88 17.21
N LEU A 166 3.67 13.86 17.08
CA LEU A 166 4.38 12.77 16.42
C LEU A 166 5.32 12.09 17.40
N ASN A 167 5.43 10.76 17.29
CA ASN A 167 6.43 9.99 18.00
C ASN A 167 7.62 9.71 17.07
N GLU A 168 8.79 10.19 17.45
CA GLU A 168 10.05 9.82 16.80
C GLU A 168 10.01 10.02 15.29
N PRO A 169 9.90 11.26 14.81
CA PRO A 169 9.87 11.48 13.36
C PRO A 169 11.14 11.03 12.65
N LEU A 170 12.29 11.03 13.34
CA LEU A 170 13.51 10.49 12.76
C LEU A 170 13.29 9.09 12.24
N CYS A 171 12.59 8.27 13.02
CA CYS A 171 12.32 6.91 12.60
C CYS A 171 11.46 6.86 11.33
N SER A 172 10.33 7.59 11.33
CA SER A 172 9.48 7.64 10.14
C SER A 172 10.27 8.09 8.92
N ALA A 173 11.02 9.19 9.05
CA ALA A 173 11.71 9.79 7.90
C ALA A 173 12.96 9.01 7.50
N TRP A 174 13.96 8.96 8.38
CA TRP A 174 15.22 8.34 8.02
C TRP A 174 15.09 6.82 7.92
N ILE A 175 14.47 6.19 8.90
CA ILE A 175 14.51 4.75 8.75
C ILE A 175 13.40 4.30 7.80
N GLY A 176 12.28 5.04 7.73
CA GLY A 176 11.22 4.63 6.82
C GLY A 176 11.42 5.01 5.36
N HIS A 177 12.24 6.03 5.08
CA HIS A 177 12.40 6.53 3.70
C HIS A 177 13.85 6.61 3.23
N TRP A 178 14.83 6.51 4.11
CA TRP A 178 16.25 6.52 3.73
C TRP A 178 16.86 5.13 3.84
N GLU A 179 16.84 4.55 5.03
CA GLU A 179 17.32 3.18 5.22
C GLU A 179 16.35 2.15 4.68
N GLY A 180 15.04 2.43 4.71
CA GLY A 180 14.06 1.48 4.25
C GLY A 180 13.79 0.30 5.17
N ARG A 181 14.25 0.33 6.42
CA ARG A 181 14.04 -0.79 7.33
C ARG A 181 12.72 -0.70 8.08
N MET A 182 12.04 0.42 7.99
CA MET A 182 10.72 0.60 8.57
C MET A 182 9.76 1.04 7.47
N ALA A 183 8.45 0.92 7.74
CA ALA A 183 7.44 1.31 6.76
C ALA A 183 7.63 2.79 6.41
N PRO A 184 7.46 3.14 5.13
CA PRO A 184 7.03 2.32 3.99
C PRO A 184 8.16 1.62 3.22
N GLY A 185 9.36 1.58 3.78
CA GLY A 185 10.44 0.83 3.17
C GLY A 185 11.09 1.51 1.98
N ILE A 186 10.98 2.82 1.89
CA ILE A 186 11.60 3.57 0.79
C ILE A 186 13.07 3.79 1.08
N THR A 187 13.90 3.81 0.02
CA THR A 187 15.35 3.98 0.17
C THR A 187 15.78 5.11 -0.77
N ASP A 188 15.53 6.35 -0.36
CA ASP A 188 15.77 7.50 -1.23
C ASP A 188 16.01 8.76 -0.39
N PRO A 189 17.26 9.24 -0.30
CA PRO A 189 17.53 10.38 0.60
C PRO A 189 16.72 11.63 0.32
N ALA A 190 16.47 11.97 -0.96
CA ALA A 190 15.70 13.17 -1.27
C ALA A 190 14.26 13.04 -0.79
N ILE A 191 13.63 11.88 -1.05
CA ILE A 191 12.29 11.64 -0.52
C ILE A 191 12.30 11.69 1.00
N ALA A 192 13.31 11.07 1.61
CA ALA A 192 13.38 11.05 3.08
C ALA A 192 13.48 12.46 3.65
N VAL A 193 14.30 13.32 3.06
CA VAL A 193 14.44 14.69 3.58
C VAL A 193 13.13 15.46 3.40
N ARG A 194 12.50 15.32 2.24
CA ARG A 194 11.19 15.96 2.06
C ARG A 194 10.16 15.43 3.05
N ALA A 195 10.18 14.13 3.31
CA ALA A 195 9.27 13.54 4.29
C ALA A 195 9.55 14.07 5.68
N SER A 196 10.82 14.24 6.04
CA SER A 196 11.14 14.85 7.34
C SER A 196 10.51 16.23 7.44
N TYR A 197 10.54 16.98 6.34
CA TYR A 197 9.97 18.32 6.34
C TYR A 197 8.46 18.26 6.52
N ASN A 198 7.78 17.42 5.74
CA ASN A 198 6.31 17.39 5.84
C ASN A 198 5.86 16.82 7.17
N LEU A 199 6.67 15.95 7.79
CA LEU A 199 6.39 15.49 9.14
C LEU A 199 6.46 16.66 10.13
N LEU A 200 7.52 17.47 10.06
CA LEU A 200 7.60 18.61 10.98
C LEU A 200 6.46 19.60 10.76
N LEU A 201 6.11 19.86 9.50
CA LEU A 201 4.96 20.70 9.20
C LEU A 201 3.69 20.12 9.82
N ALA A 202 3.47 18.82 9.65
CA ALA A 202 2.31 18.17 10.26
C ALA A 202 2.30 18.36 11.77
N HIS A 203 3.47 18.26 12.41
CA HIS A 203 3.55 18.55 13.85
C HIS A 203 3.00 19.94 14.15
N GLY A 204 3.49 20.97 13.43
CA GLY A 204 3.02 22.33 13.73
C GLY A 204 1.54 22.56 13.46
N LEU A 205 1.07 22.06 12.32
CA LEU A 205 -0.36 22.11 12.00
C LEU A 205 -1.17 21.37 13.04
N GLY A 206 -0.64 20.27 13.57
CA GLY A 206 -1.37 19.49 14.56
C GLY A 206 -1.45 20.21 15.90
N VAL A 207 -0.38 20.91 16.28
CA VAL A 207 -0.44 21.76 17.46
C VAL A 207 -1.59 22.76 17.32
N ALA A 208 -1.61 23.49 16.19
CA ALA A 208 -2.67 24.48 16.02
C ALA A 208 -4.05 23.82 16.03
N ALA A 209 -4.17 22.67 15.35
CA ALA A 209 -5.45 21.96 15.30
C ALA A 209 -5.94 21.60 16.70
N LEU A 210 -5.04 21.09 17.54
CA LEU A 210 -5.43 20.72 18.90
C LEU A 210 -5.85 21.94 19.71
N ARG A 211 -5.07 23.03 19.64
CA ARG A 211 -5.45 24.21 20.39
C ARG A 211 -6.80 24.75 19.91
N ASP A 212 -7.11 24.56 18.63
CA ASP A 212 -8.38 25.04 18.11
C ASP A 212 -9.55 24.14 18.50
N ALA A 213 -9.34 22.82 18.53
CA ALA A 213 -10.45 21.87 18.63
C ALA A 213 -10.70 21.33 20.03
N CYS A 214 -9.68 21.28 20.90
CA CYS A 214 -9.88 20.68 22.23
C CYS A 214 -10.82 21.57 23.05
N PRO A 215 -11.87 21.02 23.66
CA PRO A 215 -12.75 21.86 24.50
C PRO A 215 -12.03 22.48 25.68
N GLU A 216 -10.95 21.86 26.18
CA GLU A 216 -10.12 22.43 27.22
C GLU A 216 -8.69 22.59 26.72
N PRO A 217 -7.97 23.63 27.14
CA PRO A 217 -6.67 23.97 26.52
C PRO A 217 -5.68 22.84 26.66
N PRO A 218 -5.09 22.38 25.55
CA PRO A 218 -4.16 21.26 25.62
C PRO A 218 -2.73 21.68 25.92
N ALA A 219 -2.01 20.75 26.58
CA ALA A 219 -0.56 20.78 26.62
C ALA A 219 -0.08 19.84 25.53
N VAL A 220 0.77 20.35 24.62
CA VAL A 220 1.12 19.66 23.40
C VAL A 220 2.63 19.70 23.22
N GLY A 221 3.20 18.57 22.79
CA GLY A 221 4.62 18.53 22.48
C GLY A 221 4.93 17.48 21.44
N LEU A 222 6.13 17.59 20.87
CA LEU A 222 6.75 16.57 20.03
C LEU A 222 7.50 15.55 20.89
N VAL A 223 7.55 14.31 20.42
CA VAL A 223 8.41 13.27 21.00
C VAL A 223 9.54 12.97 20.03
N VAL A 224 10.78 13.11 20.50
CA VAL A 224 11.95 12.84 19.67
C VAL A 224 12.84 11.83 20.40
N ASN A 225 13.34 10.85 19.66
CA ASN A 225 14.34 9.93 20.19
C ASN A 225 15.71 10.55 19.93
N LEU A 226 16.41 10.88 21.01
CA LEU A 226 17.68 11.56 20.92
C LEU A 226 18.79 10.62 21.38
N SER A 227 20.00 10.89 20.90
CA SER A 227 21.17 10.06 21.21
C SER A 227 22.39 10.97 21.16
N GLY A 228 23.13 11.03 22.27
CA GLY A 228 24.40 11.72 22.24
C GLY A 228 25.29 11.09 21.19
N CYS A 229 25.89 11.90 20.33
CA CYS A 229 26.74 11.39 19.24
C CYS A 229 28.17 11.76 19.56
N GLU A 230 28.99 10.76 19.84
CA GLU A 230 30.33 10.98 20.31
C GLU A 230 31.33 10.34 19.36
N PRO A 231 32.46 10.99 19.10
CA PRO A 231 33.40 10.48 18.10
C PRO A 231 34.15 9.25 18.60
N ALA A 232 34.39 8.32 17.67
CA ALA A 232 35.12 7.10 18.01
C ALA A 232 36.56 7.38 18.40
N SER A 233 37.12 8.49 17.89
CA SER A 233 38.47 8.90 18.24
C SER A 233 38.50 10.43 18.23
N GLN A 234 39.62 10.99 18.69
CA GLN A 234 39.78 12.44 18.68
C GLN A 234 40.36 12.96 17.38
N SER A 235 40.40 12.16 16.32
CA SER A 235 40.80 12.71 15.03
C SER A 235 39.82 13.81 14.62
N PRO A 236 40.30 14.85 13.93
CA PRO A 236 39.35 15.88 13.48
C PRO A 236 38.24 15.31 12.61
N GLU A 237 38.55 14.33 11.77
CA GLU A 237 37.55 13.72 10.91
C GLU A 237 36.43 13.07 11.75
N ASP A 238 36.80 12.32 12.79
CA ASP A 238 35.79 11.67 13.61
C ASP A 238 34.95 12.67 14.40
N ILE A 239 35.59 13.74 14.90
CA ILE A 239 34.85 14.77 15.64
C ILE A 239 33.81 15.42 14.73
N ARG A 240 34.19 15.78 13.51
CA ARG A 240 33.23 16.39 12.60
C ARG A 240 32.16 15.39 12.17
N ALA A 241 32.53 14.11 12.00
CA ALA A 241 31.54 13.10 11.65
C ALA A 241 30.50 12.94 12.75
N ALA A 242 30.94 12.90 14.00
CA ALA A 242 30.00 12.81 15.11
C ALA A 242 29.09 14.03 15.14
N ARG A 243 29.61 15.21 14.76
CA ARG A 243 28.76 16.41 14.73
C ARG A 243 27.72 16.32 13.60
N ILE A 244 28.08 15.73 12.45
CA ILE A 244 27.08 15.53 11.39
C ILE A 244 26.00 14.56 11.87
N ALA A 245 26.41 13.47 12.53
CA ALA A 245 25.41 12.58 13.14
C ALA A 245 24.54 13.32 14.15
N ASP A 246 25.13 14.21 14.95
CA ASP A 246 24.32 14.97 15.90
C ASP A 246 23.26 15.80 15.17
N GLY A 247 23.62 16.37 14.03
CA GLY A 247 22.61 17.06 13.23
C GLY A 247 21.54 16.13 12.71
N HIS A 248 21.96 14.98 12.17
CA HIS A 248 21.04 14.03 11.55
C HIS A 248 20.04 13.49 12.56
N PHE A 249 20.51 13.09 13.74
CA PHE A 249 19.66 12.44 14.72
C PHE A 249 18.99 13.41 15.68
N ASN A 250 19.61 14.57 15.99
CA ASN A 250 19.10 15.46 17.03
C ASN A 250 18.72 16.85 16.51
N ARG A 251 19.66 17.61 15.96
CA ARG A 251 19.42 19.04 15.72
C ARG A 251 18.45 19.26 14.57
N TRP A 252 18.38 18.36 13.59
CA TRP A 252 17.44 18.51 12.49
C TRP A 252 16.00 18.69 12.98
N TRP A 253 15.67 18.04 14.09
CA TRP A 253 14.34 18.05 14.69
C TRP A 253 14.22 19.15 15.73
N LEU A 254 15.24 19.33 16.57
CA LEU A 254 15.16 20.29 17.67
C LEU A 254 15.24 21.74 17.18
N ASP A 255 16.14 22.03 16.23
CA ASP A 255 16.35 23.42 15.80
C ASP A 255 15.11 24.03 15.18
N PRO A 256 14.49 23.44 14.15
CA PRO A 256 13.35 24.14 13.54
C PRO A 256 12.14 24.20 14.45
N THR A 257 11.94 23.22 15.32
CA THR A 257 10.81 23.30 16.24
C THR A 257 11.06 24.31 17.35
N SER A 258 12.32 24.71 17.56
CA SER A 258 12.63 25.74 18.55
C SER A 258 12.74 27.13 17.95
N GLY A 259 12.38 27.31 16.67
CA GLY A 259 12.46 28.63 16.07
C GLY A 259 13.82 29.00 15.54
N ARG A 260 14.73 28.03 15.37
CA ARG A 260 16.10 28.29 14.93
C ARG A 260 16.34 27.92 13.48
N GLY A 261 15.27 27.63 12.72
CA GLY A 261 15.42 27.20 11.35
C GLY A 261 16.03 25.81 11.26
N PHE A 262 16.16 25.30 10.02
CA PHE A 262 16.85 24.03 9.86
C PHE A 262 18.37 24.27 9.91
N PRO A 263 19.13 23.39 10.56
CA PRO A 263 20.57 23.67 10.74
C PRO A 263 21.28 23.71 9.39
N ALA A 264 22.07 24.76 9.20
CA ALA A 264 22.69 25.01 7.90
C ALA A 264 23.65 23.90 7.51
N ASP A 265 24.40 23.34 8.48
CA ASP A 265 25.35 22.29 8.11
C ASP A 265 24.63 21.07 7.55
N MET A 266 23.44 20.75 8.09
CA MET A 266 22.70 19.60 7.59
C MET A 266 22.01 19.90 6.25
N VAL A 267 21.46 21.11 6.09
CA VAL A 267 20.93 21.48 4.79
C VAL A 267 22.01 21.33 3.71
N GLU A 268 23.23 21.77 4.02
CA GLU A 268 24.33 21.62 3.06
C GLU A 268 24.69 20.15 2.86
N THR A 269 24.71 19.36 3.94
CA THR A 269 25.04 17.94 3.83
C THR A 269 24.06 17.21 2.91
N TYR A 270 22.75 17.42 3.11
CA TYR A 270 21.75 16.66 2.36
C TYR A 270 21.71 17.08 0.89
N GLY A 271 21.91 18.37 0.62
CA GLY A 271 21.81 18.88 -0.74
C GLY A 271 20.44 18.69 -1.36
N VAL A 272 19.38 18.73 -0.55
CA VAL A 272 18.00 18.52 -1.01
C VAL A 272 17.25 19.83 -0.83
N GLU A 273 16.51 20.22 -1.86
CA GLU A 273 15.67 21.41 -1.75
C GLU A 273 14.48 21.09 -0.84
N LEU A 274 14.33 21.83 0.23
CA LEU A 274 13.18 21.61 1.12
C LEU A 274 11.90 22.10 0.45
N PRO A 275 10.75 21.33 0.57
CA PRO A 275 9.49 21.75 -0.08
C PRO A 275 8.80 22.84 0.72
N GLU A 276 9.43 24.01 0.79
CA GLU A 276 9.05 25.06 1.72
C GLU A 276 8.10 26.07 1.07
N ARG A 277 7.11 26.53 1.83
CA ARG A 277 6.23 27.63 1.45
C ARG A 277 6.29 28.73 2.50
N PRO A 278 5.98 29.97 2.13
CA PRO A 278 6.02 31.06 3.11
C PRO A 278 5.11 30.77 4.31
N GLY A 279 5.63 31.07 5.50
CA GLY A 279 4.92 30.81 6.73
C GLY A 279 5.14 29.42 7.31
N ASP A 280 5.81 28.52 6.60
CA ASP A 280 5.99 27.16 7.10
C ASP A 280 6.84 27.13 8.35
N LEU A 281 7.91 27.94 8.40
CA LEU A 281 8.83 27.87 9.53
C LEU A 281 8.13 28.27 10.83
N GLU A 282 7.22 29.24 10.76
CA GLU A 282 6.49 29.65 11.96
C GLU A 282 5.51 28.56 12.40
N ILE A 283 4.99 27.77 11.45
CA ILE A 283 4.14 26.64 11.80
C ILE A 283 4.95 25.55 12.48
N ILE A 284 6.11 25.20 11.91
CA ILE A 284 6.92 24.13 12.49
C ILE A 284 7.38 24.50 13.90
N ALA A 285 7.63 25.79 14.12
CA ALA A 285 8.05 26.30 15.43
C ALA A 285 6.87 26.67 16.32
N ALA A 286 5.68 26.13 16.05
CA ALA A 286 4.52 26.41 16.88
C ALA A 286 4.87 26.21 18.35
N PRO A 287 4.53 27.15 19.22
CA PRO A 287 4.83 26.99 20.65
C PRO A 287 4.26 25.69 21.20
N THR A 288 5.08 24.99 21.96
CA THR A 288 4.74 23.73 22.59
C THR A 288 4.88 23.89 24.10
N ASP A 289 4.26 22.97 24.84
CA ASP A 289 4.19 23.05 26.29
C ASP A 289 5.15 22.09 26.98
N PHE A 290 5.74 21.18 26.23
CA PHE A 290 6.78 20.31 26.76
C PHE A 290 7.51 19.73 25.56
N ILE A 291 8.64 19.10 25.84
CA ILE A 291 9.33 18.27 24.87
C ILE A 291 9.40 16.86 25.44
N GLY A 292 9.13 15.86 24.58
CA GLY A 292 9.20 14.47 24.95
C GLY A 292 10.49 13.83 24.49
N LEU A 293 11.29 13.37 25.45
CA LEU A 293 12.56 12.73 25.18
C LEU A 293 12.40 11.21 25.23
N ASN A 294 12.65 10.55 24.11
CA ASN A 294 12.83 9.12 24.09
C ASN A 294 14.33 8.83 24.06
N TYR A 295 14.81 8.03 25.01
CA TYR A 295 16.24 7.72 25.07
C TYR A 295 16.47 6.25 25.38
N TYR A 296 17.37 5.63 24.62
CA TYR A 296 17.79 4.26 24.85
C TYR A 296 19.31 4.10 24.83
N PHE A 297 20.02 4.87 24.00
CA PHE A 297 21.45 4.70 23.83
C PHE A 297 22.09 5.95 23.23
N ARG A 298 23.38 6.14 23.52
CA ARG A 298 24.21 7.04 22.74
C ARG A 298 24.75 6.31 21.51
N GLN A 299 25.34 7.08 20.60
CA GLN A 299 26.00 6.52 19.43
C GLN A 299 27.44 6.99 19.37
N ILE A 300 28.35 6.04 19.20
CA ILE A 300 29.74 6.33 18.90
C ILE A 300 29.89 6.36 17.39
N ILE A 301 30.46 7.44 16.87
CA ILE A 301 30.41 7.75 15.45
C ILE A 301 31.84 7.82 14.91
N GLU A 302 32.08 7.20 13.76
CA GLU A 302 33.34 7.35 13.06
C GLU A 302 33.08 7.92 11.67
N ALA A 303 34.03 8.70 11.17
CA ALA A 303 33.98 9.10 9.76
C ALA A 303 34.01 7.85 8.89
N ASP A 304 33.21 7.86 7.82
CA ASP A 304 33.09 6.66 6.98
C ASP A 304 32.74 7.11 5.57
N GLY A 305 33.74 7.13 4.70
CA GLY A 305 33.52 7.59 3.33
C GLY A 305 32.62 6.70 2.50
N SER A 306 32.33 5.47 2.96
CA SER A 306 31.50 4.56 2.18
C SER A 306 30.00 4.80 2.37
N VAL A 307 29.61 5.71 3.25
CA VAL A 307 28.20 5.97 3.55
C VAL A 307 27.78 7.19 2.73
N PRO A 308 26.96 7.02 1.68
CA PRO A 308 26.61 8.17 0.84
C PRO A 308 25.93 9.27 1.64
N VAL A 309 26.23 10.52 1.26
CA VAL A 309 25.64 11.75 1.79
C VAL A 309 26.14 12.02 3.22
N LEU A 310 25.93 11.08 4.14
CA LEU A 310 26.21 11.31 5.55
C LEU A 310 27.70 11.20 5.88
N GLY A 311 28.39 10.22 5.30
CA GLY A 311 29.81 10.07 5.55
C GLY A 311 30.19 9.71 6.97
N PHE A 312 29.30 9.03 7.70
CA PHE A 312 29.63 8.55 9.04
C PHE A 312 28.93 7.21 9.27
N SER A 313 29.47 6.45 10.21
CA SER A 313 28.88 5.18 10.63
C SER A 313 28.93 5.08 12.15
N GLN A 314 27.92 4.41 12.71
CA GLN A 314 27.96 4.05 14.12
C GLN A 314 28.84 2.83 14.35
N VAL A 315 29.61 2.85 15.42
CA VAL A 315 30.39 1.70 15.85
C VAL A 315 29.91 1.33 17.25
N PRO A 316 30.20 0.10 17.71
CA PRO A 316 29.68 -0.32 19.02
C PRO A 316 30.18 0.57 20.15
N GLY A 317 29.30 0.85 21.11
CA GLY A 317 29.66 1.57 22.30
C GLY A 317 30.54 0.71 23.19
N PRO A 318 31.37 1.35 24.01
CA PRO A 318 32.37 0.58 24.80
C PRO A 318 31.90 -0.02 26.12
N ASN A 319 30.76 0.41 26.68
CA ASN A 319 30.35 -0.15 27.96
C ASN A 319 30.13 -1.65 27.85
N ALA A 320 30.42 -2.36 28.94
CA ALA A 320 30.30 -3.81 28.93
C ALA A 320 28.85 -4.26 28.77
N GLU A 321 27.91 -3.56 29.40
CA GLU A 321 26.52 -3.99 29.39
C GLU A 321 25.82 -3.58 28.09
N HIS A 322 25.24 -4.56 27.42
CA HIS A 322 24.46 -4.39 26.20
C HIS A 322 23.19 -5.21 26.34
N THR A 323 22.08 -4.69 25.81
CA THR A 323 20.81 -5.42 25.88
C THR A 323 20.82 -6.54 24.85
N MET A 324 19.70 -7.31 24.81
CA MET A 324 19.64 -8.44 23.88
C MET A 324 19.68 -8.02 22.43
N ILE A 325 19.30 -6.78 22.11
CA ILE A 325 19.38 -6.30 20.73
C ILE A 325 20.64 -5.46 20.51
N ASP A 326 21.65 -5.64 21.36
CA ASP A 326 22.96 -5.01 21.22
C ASP A 326 22.89 -3.50 21.35
N TRP A 327 21.96 -2.99 22.16
CA TRP A 327 21.96 -1.58 22.53
C TRP A 327 22.79 -1.39 23.80
N GLU A 328 23.85 -0.60 23.70
CA GLU A 328 24.71 -0.32 24.86
C GLU A 328 23.89 0.33 25.98
N VAL A 329 24.11 -0.14 27.21
CA VAL A 329 23.50 0.47 28.39
C VAL A 329 24.37 1.62 28.86
N HIS A 330 23.82 2.84 28.86
CA HIS A 330 24.58 4.05 29.19
C HIS A 330 23.65 5.08 29.82
N PRO A 331 23.30 4.90 31.10
CA PRO A 331 22.35 5.83 31.71
C PRO A 331 22.84 7.25 31.80
N ALA A 332 24.16 7.48 31.85
CA ALA A 332 24.67 8.85 31.84
C ALA A 332 24.17 9.61 30.62
N GLY A 333 23.98 8.92 29.49
CA GLY A 333 23.48 9.58 28.30
C GLY A 333 22.12 10.21 28.50
N LEU A 334 21.28 9.61 29.36
CA LEU A 334 19.97 10.19 29.64
C LEU A 334 20.10 11.47 30.44
N GLU A 335 20.93 11.46 31.50
CA GLU A 335 21.18 12.68 32.26
C GLU A 335 21.65 13.81 31.32
N GLU A 336 22.66 13.51 30.51
CA GLU A 336 23.22 14.49 29.60
C GLU A 336 22.15 15.05 28.66
N LEU A 337 21.31 14.18 28.10
CA LEU A 337 20.37 14.71 27.11
C LEU A 337 19.32 15.56 27.80
N ILE A 338 18.90 15.15 29.00
CA ILE A 338 17.92 15.97 29.72
C ILE A 338 18.52 17.35 29.94
N LEU A 339 19.80 17.38 30.34
CA LEU A 339 20.43 18.66 30.62
C LEU A 339 20.59 19.48 29.34
N ARG A 340 20.94 18.82 28.23
CA ARG A 340 21.09 19.57 26.98
C ARG A 340 19.78 20.22 26.59
N LEU A 341 18.67 19.48 26.72
CA LEU A 341 17.40 20.08 26.37
C LEU A 341 17.11 21.27 27.26
N ALA A 342 17.47 21.16 28.54
CA ALA A 342 17.20 22.26 29.46
C ALA A 342 18.11 23.44 29.21
N LYS A 343 19.36 23.17 28.85
CA LYS A 343 20.34 24.26 28.86
C LYS A 343 20.58 24.81 27.46
N GLU A 344 20.85 23.92 26.50
CA GLU A 344 21.08 24.33 25.13
C GLU A 344 19.81 24.73 24.40
N TYR A 345 18.68 24.09 24.70
CA TYR A 345 17.43 24.42 24.04
C TYR A 345 16.41 25.12 24.93
N GLY A 346 16.75 25.43 26.18
CA GLY A 346 15.85 26.22 27.02
C GLY A 346 14.49 25.58 27.25
N ALA A 347 14.42 24.25 27.22
CA ALA A 347 13.12 23.59 27.41
C ALA A 347 12.57 23.91 28.79
N GLU A 348 11.31 24.32 28.84
CA GLU A 348 10.69 24.65 30.11
C GLU A 348 10.05 23.46 30.79
N LYS A 349 9.71 22.42 30.02
CA LYS A 349 9.15 21.21 30.58
C LYS A 349 9.58 20.02 29.75
N ILE A 350 10.14 19.01 30.41
CA ILE A 350 10.69 17.85 29.73
C ILE A 350 10.04 16.62 30.33
N TYR A 351 9.54 15.72 29.49
CA TYR A 351 9.20 14.37 29.95
C TYR A 351 10.14 13.37 29.30
N VAL A 352 10.54 12.35 30.04
CA VAL A 352 11.10 11.17 29.38
C VAL A 352 9.91 10.33 28.94
N THR A 353 9.57 10.39 27.66
CA THR A 353 8.38 9.74 27.15
C THR A 353 8.60 8.28 26.77
N GLU A 354 9.86 7.84 26.65
CA GLU A 354 10.19 6.43 26.50
C GLU A 354 11.59 6.19 27.05
N ASN A 355 11.74 5.08 27.76
CA ASN A 355 13.04 4.56 28.14
C ASN A 355 12.80 3.14 28.66
N GLY A 356 13.67 2.22 28.30
CA GLY A 356 13.49 0.84 28.69
C GLY A 356 14.50 -0.04 27.97
N SER A 357 14.36 -1.36 28.16
CA SER A 357 15.35 -2.29 27.64
C SER A 357 14.74 -3.66 27.40
N ALA A 358 15.36 -4.38 26.46
CA ALA A 358 14.93 -5.72 26.07
C ALA A 358 15.98 -6.75 26.44
N TRP A 359 15.58 -7.78 27.16
CA TRP A 359 16.45 -8.87 27.58
C TRP A 359 15.74 -10.19 27.34
N VAL A 360 16.51 -11.28 27.36
CA VAL A 360 15.93 -12.61 27.22
C VAL A 360 15.18 -12.94 28.50
N ASP A 361 13.87 -13.13 28.38
CA ASP A 361 13.07 -13.51 29.53
C ASP A 361 12.93 -15.02 29.59
N GLN A 362 12.87 -15.56 30.81
CA GLN A 362 12.72 -16.99 31.04
C GLN A 362 11.49 -17.23 31.89
N PRO A 363 10.31 -17.26 31.29
CA PRO A 363 9.08 -17.44 32.07
C PRO A 363 8.94 -18.86 32.57
N ASP A 364 8.29 -19.00 33.73
CA ASP A 364 7.92 -20.33 34.20
C ASP A 364 6.57 -20.71 33.57
N ALA A 365 6.00 -21.85 33.99
CA ALA A 365 4.77 -22.31 33.37
C ALA A 365 3.60 -21.35 33.59
N GLU A 366 3.65 -20.50 34.61
CA GLU A 366 2.62 -19.50 34.84
C GLU A 366 3.06 -18.10 34.38
N PHE A 367 4.11 -18.04 33.56
CA PHE A 367 4.61 -16.83 32.90
C PHE A 367 5.21 -15.82 33.87
N ALA A 368 5.59 -16.24 35.08
CA ALA A 368 6.37 -15.39 35.97
C ALA A 368 7.79 -15.24 35.44
N VAL A 369 8.28 -13.99 35.44
CA VAL A 369 9.60 -13.67 34.90
C VAL A 369 10.33 -12.85 35.94
N ASP A 370 11.55 -13.27 36.28
CA ASP A 370 12.46 -12.51 37.12
C ASP A 370 13.53 -11.94 36.19
N ASP A 371 13.53 -10.62 35.99
CA ASP A 371 14.34 -9.96 34.96
C ASP A 371 15.28 -8.95 35.60
N PRO A 372 16.37 -9.41 36.24
CA PRO A 372 17.22 -8.47 36.98
C PRO A 372 17.93 -7.46 36.10
N ASP A 373 18.25 -7.78 34.85
CA ASP A 373 18.91 -6.79 34.01
C ASP A 373 17.94 -5.70 33.57
N ARG A 374 16.70 -6.05 33.24
CA ARG A 374 15.71 -5.01 32.93
C ARG A 374 15.47 -4.12 34.15
N THR A 375 15.36 -4.74 35.33
CA THR A 375 15.16 -3.98 36.58
C THR A 375 16.33 -3.03 36.82
N ALA A 376 17.56 -3.53 36.70
CA ALA A 376 18.72 -2.69 36.96
C ALA A 376 18.81 -1.54 35.97
N TYR A 377 18.47 -1.80 34.70
CA TYR A 377 18.44 -0.74 33.69
C TYR A 377 17.46 0.36 34.10
N LEU A 378 16.24 -0.05 34.48
CA LEU A 378 15.26 0.92 34.98
C LEU A 378 15.83 1.75 36.13
N GLU A 379 16.41 1.09 37.12
CA GLU A 379 16.88 1.79 38.31
C GLU A 379 17.99 2.78 37.97
N GLU A 380 18.95 2.38 37.13
CA GLU A 380 20.05 3.27 36.78
C GLU A 380 19.56 4.47 35.98
N HIS A 381 18.59 4.28 35.09
CA HIS A 381 18.12 5.43 34.31
C HIS A 381 17.27 6.36 35.16
N LEU A 382 16.54 5.82 36.14
CA LEU A 382 15.86 6.69 37.09
C LEU A 382 16.88 7.51 37.90
N ALA A 383 17.99 6.89 38.31
CA ALA A 383 19.01 7.66 39.03
C ALA A 383 19.59 8.78 38.16
N ALA A 384 19.77 8.51 36.86
CA ALA A 384 20.22 9.57 35.96
C ALA A 384 19.22 10.72 35.88
N CYS A 385 17.92 10.39 35.86
CA CYS A 385 16.88 11.43 35.88
C CYS A 385 16.99 12.27 37.15
N VAL A 386 17.15 11.59 38.31
CA VAL A 386 17.31 12.32 39.57
C VAL A 386 18.48 13.27 39.51
N ARG A 387 19.61 12.82 38.95
CA ARG A 387 20.78 13.69 38.88
C ARG A 387 20.53 14.89 37.97
N ALA A 388 19.80 14.69 36.87
CA ALA A 388 19.46 15.84 36.02
C ALA A 388 18.57 16.84 36.77
N VAL A 389 17.62 16.34 37.56
CA VAL A 389 16.76 17.23 38.34
C VAL A 389 17.58 17.98 39.39
N GLU A 390 18.52 17.29 40.06
CA GLU A 390 19.35 17.97 41.04
C GLU A 390 20.18 19.08 40.42
N GLN A 391 20.45 18.98 39.12
CA GLN A 391 21.20 20.00 38.42
C GLN A 391 20.31 21.01 37.72
N GLY A 392 19.03 21.08 38.10
CA GLY A 392 18.15 22.14 37.68
C GLY A 392 17.25 21.85 36.49
N ALA A 393 17.31 20.63 35.94
CA ALA A 393 16.52 20.36 34.74
C ALA A 393 15.04 20.27 35.09
N PRO A 394 14.16 20.89 34.31
CA PRO A 394 12.71 20.81 34.64
C PRO A 394 12.09 19.52 34.13
N LEU A 395 12.49 18.40 34.73
CA LEU A 395 11.96 17.10 34.32
C LEU A 395 10.63 16.86 35.05
N ALA A 396 9.54 16.75 34.29
CA ALA A 396 8.21 16.61 34.84
C ALA A 396 7.72 15.16 35.00
N GLY A 397 8.36 14.20 34.36
CA GLY A 397 7.88 12.82 34.48
C GLY A 397 8.73 11.85 33.70
N TYR A 398 8.41 10.56 33.87
CA TYR A 398 9.14 9.43 33.27
C TYR A 398 8.15 8.35 32.86
N PHE A 399 8.24 7.93 31.60
CA PHE A 399 7.37 6.88 31.06
C PHE A 399 8.21 5.67 30.67
N ALA A 400 7.99 4.56 31.36
CA ALA A 400 8.73 3.33 31.05
C ALA A 400 8.20 2.69 29.78
N TRP A 401 9.10 2.42 28.83
CA TRP A 401 8.75 1.60 27.68
C TRP A 401 9.19 0.17 27.99
N SER A 402 8.27 -0.79 28.09
CA SER A 402 6.85 -0.61 27.79
C SER A 402 5.97 -1.26 28.86
N LEU A 403 4.68 -0.91 28.89
CA LEU A 403 3.75 -1.55 29.83
C LEU A 403 3.85 -3.06 29.77
N MET A 404 3.89 -3.60 28.55
CA MET A 404 3.93 -5.05 28.33
C MET A 404 4.73 -5.30 27.05
N ASP A 405 5.18 -6.55 26.90
CA ASP A 405 5.81 -7.00 25.67
C ASP A 405 4.90 -6.72 24.47
N ASN A 406 5.48 -6.39 23.32
CA ASN A 406 4.64 -6.04 22.17
C ASN A 406 5.45 -6.20 20.87
N PHE A 407 4.85 -5.78 19.76
CA PHE A 407 5.45 -5.90 18.43
C PHE A 407 6.51 -4.82 18.28
N GLU A 408 7.78 -5.21 18.27
CA GLU A 408 8.88 -4.26 18.13
C GLU A 408 9.27 -4.14 16.65
N TRP A 409 8.29 -3.72 15.86
CA TRP A 409 8.52 -3.19 14.50
C TRP A 409 9.26 -4.23 13.66
N ALA A 410 10.34 -3.85 12.96
CA ALA A 410 11.03 -4.77 12.06
C ALA A 410 11.71 -5.91 12.80
N ARG A 411 11.88 -5.80 14.12
CA ARG A 411 12.42 -6.90 14.89
C ARG A 411 11.34 -7.89 15.33
N GLY A 412 10.07 -7.60 15.04
CA GLY A 412 9.04 -8.54 15.46
C GLY A 412 8.91 -8.63 16.97
N TYR A 413 8.46 -9.80 17.46
CA TYR A 413 8.17 -9.97 18.87
C TYR A 413 9.36 -10.41 19.71
N ALA A 414 10.48 -10.77 19.08
CA ALA A 414 11.64 -11.25 19.82
C ALA A 414 12.11 -10.29 20.92
N PRO A 415 12.19 -8.97 20.72
CA PRO A 415 12.61 -8.10 21.82
C PRO A 415 11.43 -7.75 22.71
N ARG A 416 11.47 -8.24 23.93
CA ARG A 416 10.41 -7.99 24.91
C ARG A 416 10.85 -6.83 25.78
N PHE A 417 10.17 -5.68 25.63
CA PHE A 417 10.44 -4.48 26.42
C PHE A 417 9.53 -4.37 27.64
N GLY A 418 8.63 -5.31 27.86
CA GLY A 418 7.57 -5.11 28.83
C GLY A 418 8.04 -5.15 30.27
N LEU A 419 7.41 -4.32 31.10
CA LEU A 419 7.40 -4.55 32.54
C LEU A 419 6.50 -5.74 32.90
N ALA A 420 5.64 -6.14 31.97
CA ALA A 420 4.80 -7.33 32.10
C ALA A 420 5.03 -8.25 30.90
N TYR A 421 5.13 -9.55 31.18
CA TYR A 421 5.29 -10.56 30.15
C TYR A 421 3.96 -10.84 29.49
N VAL A 422 3.99 -11.09 28.18
CA VAL A 422 2.79 -11.44 27.42
C VAL A 422 2.96 -12.83 26.86
N ASP A 423 2.09 -13.76 27.28
CA ASP A 423 1.96 -15.03 26.57
C ASP A 423 1.05 -14.74 25.39
N TYR A 424 1.68 -14.63 24.20
CA TYR A 424 0.95 -14.18 23.01
C TYR A 424 -0.17 -15.13 22.58
N PRO A 425 -0.03 -16.47 22.65
CA PRO A 425 -1.16 -17.32 22.26
C PRO A 425 -2.43 -17.08 23.06
N THR A 426 -2.32 -16.75 24.34
CA THR A 426 -3.49 -16.52 25.19
C THR A 426 -3.72 -15.07 25.52
N GLY A 427 -2.79 -14.18 25.20
CA GLY A 427 -2.87 -12.81 25.66
C GLY A 427 -2.57 -12.62 27.13
N THR A 428 -2.13 -13.66 27.83
CA THR A 428 -2.02 -13.53 29.29
C THR A 428 -0.89 -12.57 29.64
N ARG A 429 -1.18 -11.55 30.45
CA ARG A 429 -0.18 -10.58 30.89
C ARG A 429 0.15 -10.83 32.36
N VAL A 430 1.44 -10.93 32.67
CA VAL A 430 1.89 -11.22 34.03
C VAL A 430 3.04 -10.28 34.36
N MET A 431 2.88 -9.48 35.42
CA MET A 431 3.93 -8.51 35.76
C MET A 431 5.25 -9.21 36.06
N LYS A 432 6.32 -8.68 35.48
CA LYS A 432 7.67 -9.17 35.75
C LYS A 432 8.20 -8.54 37.03
N THR A 433 9.38 -9.01 37.46
CA THR A 433 10.05 -8.39 38.59
C THR A 433 10.25 -6.90 38.38
N SER A 434 10.62 -6.51 37.16
CA SER A 434 10.86 -5.10 36.88
C SER A 434 9.60 -4.28 37.11
N GLY A 435 8.43 -4.78 36.65
CA GLY A 435 7.20 -4.04 36.88
C GLY A 435 6.84 -3.92 38.35
N LYS A 436 7.03 -5.01 39.11
CA LYS A 436 6.75 -4.95 40.55
C LYS A 436 7.71 -4.01 41.27
N ARG A 437 8.97 -3.99 40.83
CA ARG A 437 9.93 -3.04 41.40
C ARG A 437 9.55 -1.61 41.05
N TYR A 438 9.11 -1.36 39.82
CA TYR A 438 8.66 -0.02 39.44
C TYR A 438 7.49 0.42 40.31
N ALA A 439 6.53 -0.47 40.53
CA ALA A 439 5.42 -0.14 41.41
C ALA A 439 5.90 0.18 42.83
N ASP A 440 6.86 -0.60 43.34
CA ASP A 440 7.41 -0.34 44.67
C ASP A 440 8.09 1.01 44.72
N LEU A 441 8.84 1.36 43.67
CA LEU A 441 9.54 2.64 43.64
C LEU A 441 8.56 3.80 43.62
N ILE A 442 7.52 3.72 42.78
CA ILE A 442 6.50 4.77 42.71
C ILE A 442 5.84 4.95 44.08
N ARG A 443 5.45 3.84 44.71
CA ARG A 443 4.81 3.93 46.01
C ARG A 443 5.74 4.56 47.03
N GLY A 444 7.03 4.18 46.99
CA GLY A 444 7.99 4.76 47.91
C GLY A 444 8.17 6.25 47.71
N HIS A 445 8.22 6.69 46.45
CA HIS A 445 8.32 8.13 46.18
C HIS A 445 7.10 8.86 46.72
N ARG A 446 5.92 8.27 46.56
CA ARG A 446 4.74 9.02 46.98
C ARG A 446 4.52 9.03 48.48
N GLU A 447 5.29 8.24 49.22
CA GLU A 447 5.14 8.14 50.65
C GLU A 447 6.23 8.94 51.37
N MET B 2 -26.06 -23.32 -33.81
CA MET B 2 -24.75 -23.87 -34.18
C MET B 2 -24.11 -23.02 -35.29
N VAL B 3 -22.92 -22.50 -34.98
CA VAL B 3 -22.27 -21.46 -35.77
C VAL B 3 -21.53 -22.08 -36.96
N GLU B 4 -21.53 -21.36 -38.08
CA GLU B 4 -20.77 -21.72 -39.28
C GLU B 4 -19.56 -20.81 -39.38
N LEU B 5 -18.37 -21.40 -39.36
CA LEU B 5 -17.11 -20.65 -39.28
C LEU B 5 -16.36 -20.57 -40.60
N SER B 6 -16.87 -21.19 -41.66
CA SER B 6 -16.11 -21.25 -42.92
C SER B 6 -15.71 -19.89 -43.50
N PRO B 7 -16.46 -18.79 -43.33
CA PRO B 7 -15.96 -17.49 -43.84
C PRO B 7 -14.69 -16.99 -43.16
N LEU B 8 -14.28 -17.55 -42.02
CA LEU B 8 -13.05 -17.11 -41.40
C LEU B 8 -11.87 -17.70 -42.17
N ARG B 9 -10.89 -16.86 -42.48
CA ARG B 9 -9.68 -17.33 -43.14
C ARG B 9 -8.99 -18.39 -42.29
N GLN B 10 -8.23 -19.26 -42.97
CA GLN B 10 -7.55 -20.35 -42.30
C GLN B 10 -6.47 -19.86 -41.35
N ASP B 11 -5.88 -18.69 -41.59
CA ASP B 11 -4.86 -18.18 -40.68
C ASP B 11 -5.44 -17.40 -39.50
N PHE B 12 -6.77 -17.42 -39.34
CA PHE B 12 -7.41 -16.89 -38.13
C PHE B 12 -6.80 -17.52 -36.89
N VAL B 13 -6.60 -16.71 -35.85
CA VAL B 13 -5.95 -17.18 -34.62
C VAL B 13 -7.02 -17.55 -33.60
N TRP B 14 -7.06 -18.83 -33.22
CA TRP B 14 -7.94 -19.31 -32.16
C TRP B 14 -7.18 -19.31 -30.85
N GLY B 15 -7.72 -18.64 -29.84
CA GLY B 15 -7.00 -18.46 -28.59
C GLY B 15 -7.90 -18.49 -27.37
N THR B 16 -7.26 -18.35 -26.21
CA THR B 16 -7.92 -18.18 -24.93
C THR B 16 -6.96 -17.38 -24.05
N ALA B 17 -7.49 -16.83 -22.95
CA ALA B 17 -6.76 -15.79 -22.21
C ALA B 17 -6.85 -16.00 -20.71
N THR B 18 -5.80 -15.55 -20.01
CA THR B 18 -5.76 -15.40 -18.55
C THR B 18 -4.98 -14.13 -18.22
N SER B 19 -4.84 -13.83 -16.93
CA SER B 19 -3.88 -12.82 -16.50
C SER B 19 -3.19 -13.31 -15.22
N ALA B 20 -2.07 -12.65 -14.89
CA ALA B 20 -1.16 -13.17 -13.86
C ALA B 20 -1.82 -13.16 -12.48
N TYR B 21 -2.33 -12.01 -12.03
CA TYR B 21 -2.84 -12.00 -10.66
C TYR B 21 -4.08 -12.88 -10.52
N GLN B 22 -4.84 -13.06 -11.60
CA GLN B 22 -6.05 -13.86 -11.50
C GLN B 22 -5.79 -15.36 -11.40
N ILE B 23 -4.61 -15.84 -11.81
CA ILE B 23 -4.40 -17.30 -11.82
C ILE B 23 -3.19 -17.77 -11.03
N GLU B 24 -2.16 -16.92 -10.87
CA GLU B 24 -0.83 -17.47 -10.54
C GLU B 24 -0.72 -17.92 -9.09
N GLY B 25 -1.32 -17.18 -8.15
CA GLY B 25 -1.01 -17.48 -6.75
C GLY B 25 0.45 -17.19 -6.45
N ALA B 26 0.99 -17.94 -5.48
CA ALA B 26 2.41 -17.83 -5.12
C ALA B 26 2.83 -16.38 -4.93
N VAL B 27 1.99 -15.61 -4.22
CA VAL B 27 2.15 -14.16 -4.24
C VAL B 27 3.41 -13.71 -3.49
N ALA B 28 3.93 -14.54 -2.60
CA ALA B 28 5.14 -14.21 -1.86
C ALA B 28 6.31 -15.13 -2.19
N ASP B 29 6.21 -15.92 -3.26
CA ASP B 29 7.24 -16.89 -3.58
C ASP B 29 8.25 -16.32 -4.58
N ASP B 30 9.51 -16.76 -4.44
CA ASP B 30 10.55 -16.58 -5.46
C ASP B 30 10.73 -15.11 -5.84
N GLY B 31 10.75 -14.25 -4.84
CA GLY B 31 11.13 -12.87 -5.03
C GLY B 31 10.03 -11.90 -5.40
N ARG B 32 8.80 -12.38 -5.58
CA ARG B 32 7.71 -11.46 -5.89
C ARG B 32 7.44 -10.53 -4.71
N LEU B 33 7.16 -9.28 -5.03
CA LEU B 33 6.68 -8.32 -4.05
C LEU B 33 5.21 -8.00 -4.31
N PRO B 34 4.51 -7.45 -3.32
CA PRO B 34 3.07 -7.22 -3.50
C PRO B 34 2.77 -6.19 -4.59
N SER B 35 1.66 -6.43 -5.27
CA SER B 35 1.05 -5.47 -6.18
C SER B 35 -0.08 -4.74 -5.46
N ILE B 36 -0.67 -3.75 -6.14
CA ILE B 36 -1.81 -3.03 -5.58
C ILE B 36 -3.02 -3.93 -5.40
N TRP B 37 -3.11 -5.04 -6.15
CA TRP B 37 -4.21 -5.97 -5.93
C TRP B 37 -4.00 -6.82 -4.68
N ASP B 38 -2.75 -7.22 -4.39
CA ASP B 38 -2.46 -7.81 -3.08
C ASP B 38 -2.98 -6.91 -1.97
N THR B 39 -2.66 -5.62 -2.06
CA THR B 39 -3.05 -4.66 -1.04
C THR B 39 -4.56 -4.49 -0.97
N PHE B 40 -5.20 -4.34 -2.12
CA PHE B 40 -6.64 -4.18 -2.18
C PHE B 40 -7.36 -5.39 -1.57
N CYS B 41 -6.80 -6.59 -1.75
CA CYS B 41 -7.42 -7.77 -1.16
C CYS B 41 -7.35 -7.79 0.37
N ARG B 42 -6.52 -6.94 0.99
CA ARG B 42 -6.49 -6.87 2.44
C ARG B 42 -7.46 -5.84 3.00
N VAL B 43 -8.15 -5.08 2.14
CA VAL B 43 -9.10 -4.06 2.55
C VAL B 43 -10.44 -4.71 2.84
N PRO B 44 -10.94 -4.68 4.08
CA PRO B 44 -12.26 -5.27 4.37
C PRO B 44 -13.33 -4.66 3.49
N GLY B 45 -14.15 -5.52 2.88
CA GLY B 45 -15.22 -5.08 2.02
C GLY B 45 -14.84 -4.81 0.58
N ALA B 46 -13.55 -4.78 0.25
CA ALA B 46 -13.14 -4.48 -1.13
C ALA B 46 -13.50 -5.62 -2.07
N ILE B 47 -13.34 -6.87 -1.64
CA ILE B 47 -13.58 -8.05 -2.46
C ILE B 47 -14.77 -8.81 -1.91
N ASP B 48 -15.72 -9.14 -2.78
CA ASP B 48 -16.84 -10.01 -2.39
C ASP B 48 -16.33 -11.26 -1.70
N ASN B 49 -17.01 -11.62 -0.60
CA ASN B 49 -16.72 -12.81 0.19
C ASN B 49 -15.34 -12.80 0.81
N GLY B 50 -14.63 -11.67 0.77
CA GLY B 50 -13.28 -11.62 1.29
C GLY B 50 -12.29 -12.49 0.55
N ASP B 51 -12.56 -12.79 -0.73
CA ASP B 51 -11.63 -13.57 -1.53
C ASP B 51 -10.32 -12.79 -1.74
N THR B 52 -9.24 -13.52 -2.04
CA THR B 52 -7.96 -12.90 -2.39
C THR B 52 -7.31 -13.72 -3.51
N GLY B 53 -6.30 -13.12 -4.15
CA GLY B 53 -5.51 -13.84 -5.13
C GLY B 53 -4.30 -14.55 -4.55
N ASP B 54 -4.28 -14.79 -3.23
CA ASP B 54 -3.09 -15.38 -2.63
C ASP B 54 -2.73 -16.73 -3.25
N VAL B 55 -3.74 -17.54 -3.57
CA VAL B 55 -3.52 -18.88 -4.11
C VAL B 55 -4.07 -19.00 -5.54
N ALA B 56 -5.31 -18.52 -5.76
CA ALA B 56 -5.96 -18.51 -7.08
C ALA B 56 -5.89 -19.92 -7.67
N CYS B 57 -5.42 -20.09 -8.90
CA CYS B 57 -5.31 -21.41 -9.50
C CYS B 57 -3.93 -22.02 -9.31
N ASP B 58 -3.05 -21.33 -8.59
CA ASP B 58 -1.70 -21.82 -8.32
C ASP B 58 -0.93 -22.05 -9.62
N SER B 59 -1.18 -21.20 -10.64
CA SER B 59 -0.56 -21.39 -11.95
C SER B 59 0.94 -21.14 -11.95
N TYR B 60 1.49 -20.41 -10.96
CA TYR B 60 2.94 -20.26 -10.89
C TYR B 60 3.62 -21.60 -10.69
N HIS B 61 3.10 -22.41 -9.76
CA HIS B 61 3.72 -23.70 -9.49
C HIS B 61 3.15 -24.83 -10.32
N ARG B 62 1.97 -24.65 -10.93
CA ARG B 62 1.26 -25.72 -11.62
C ARG B 62 0.94 -25.37 -13.07
N TRP B 63 1.76 -24.50 -13.68
CA TRP B 63 1.70 -24.15 -15.10
C TRP B 63 1.50 -25.34 -16.04
N PRO B 64 2.15 -26.49 -15.84
CA PRO B 64 1.93 -27.60 -16.78
C PRO B 64 0.47 -28.03 -16.91
N GLU B 65 -0.33 -27.86 -15.87
CA GLU B 65 -1.74 -28.19 -15.97
C GLU B 65 -2.51 -27.19 -16.84
N ASP B 66 -2.12 -25.91 -16.82
CA ASP B 66 -2.66 -24.96 -17.79
C ASP B 66 -2.30 -25.37 -19.21
N LEU B 67 -1.03 -25.73 -19.42
CA LEU B 67 -0.60 -26.17 -20.75
C LEU B 67 -1.38 -27.40 -21.21
N ALA B 68 -1.65 -28.34 -20.31
CA ALA B 68 -2.49 -29.48 -20.67
C ALA B 68 -3.86 -29.02 -21.16
N LEU B 69 -4.46 -28.05 -20.44
CA LEU B 69 -5.74 -27.51 -20.91
C LEU B 69 -5.61 -26.91 -22.31
N LEU B 70 -4.54 -26.15 -22.55
CA LEU B 70 -4.38 -25.50 -23.84
C LEU B 70 -4.26 -26.52 -24.96
N LYS B 71 -3.54 -27.60 -24.73
CA LYS B 71 -3.44 -28.66 -25.72
C LYS B 71 -4.81 -29.30 -25.97
N GLN B 72 -5.57 -29.54 -24.89
CA GLN B 72 -6.92 -30.08 -25.04
C GLN B 72 -7.80 -29.19 -25.91
N LEU B 73 -7.65 -27.87 -25.79
CA LEU B 73 -8.46 -26.97 -26.62
C LEU B 73 -8.02 -26.99 -28.08
N GLY B 74 -6.74 -27.23 -28.34
CA GLY B 74 -6.23 -27.07 -29.69
C GLY B 74 -6.14 -25.64 -30.17
N VAL B 75 -5.98 -24.67 -29.25
CA VAL B 75 -5.84 -23.26 -29.66
C VAL B 75 -4.52 -23.04 -30.39
N ASP B 76 -4.51 -22.04 -31.28
CA ASP B 76 -3.30 -21.55 -31.93
C ASP B 76 -2.47 -20.64 -31.03
N ALA B 77 -3.09 -20.01 -30.04
CA ALA B 77 -2.43 -18.96 -29.29
C ALA B 77 -2.98 -18.94 -27.87
N TYR B 78 -2.16 -18.41 -26.96
CA TYR B 78 -2.51 -18.25 -25.56
C TYR B 78 -2.17 -16.83 -25.14
N ARG B 79 -3.16 -16.08 -24.68
CA ARG B 79 -2.94 -14.75 -24.16
C ARG B 79 -2.80 -14.83 -22.65
N PHE B 80 -1.63 -14.46 -22.13
CA PHE B 80 -1.37 -14.45 -20.69
C PHE B 80 -0.61 -13.18 -20.36
N SER B 81 -0.51 -12.84 -19.08
CA SER B 81 0.17 -11.61 -18.69
C SER B 81 1.39 -11.92 -17.82
N ILE B 82 2.34 -10.99 -17.87
CA ILE B 82 3.52 -11.00 -17.03
C ILE B 82 3.22 -10.17 -15.79
N ALA B 83 3.57 -10.70 -14.62
CA ALA B 83 3.42 -9.95 -13.37
C ALA B 83 4.63 -9.04 -13.22
N TRP B 84 4.43 -7.75 -13.46
CA TRP B 84 5.45 -6.75 -13.17
C TRP B 84 6.12 -6.93 -11.80
N PRO B 85 5.39 -7.11 -10.69
CA PRO B 85 6.07 -7.24 -9.39
C PRO B 85 6.75 -8.60 -9.19
N ARG B 86 6.62 -9.53 -10.13
CA ARG B 86 7.42 -10.74 -10.14
C ARG B 86 8.73 -10.55 -10.89
N VAL B 87 8.78 -9.62 -11.83
CA VAL B 87 9.94 -9.42 -12.72
C VAL B 87 10.82 -8.27 -12.25
N ILE B 88 10.21 -7.15 -11.90
CA ILE B 88 10.89 -6.01 -11.28
C ILE B 88 10.10 -5.70 -10.01
N PRO B 89 10.38 -6.41 -8.91
CA PRO B 89 9.44 -6.41 -7.77
C PRO B 89 9.18 -5.04 -7.15
N THR B 90 10.18 -4.16 -7.07
CA THR B 90 9.91 -2.80 -6.58
C THR B 90 9.38 -1.87 -7.66
N GLY B 91 9.32 -2.31 -8.92
CA GLY B 91 9.01 -1.39 -10.00
C GLY B 91 10.17 -0.56 -10.52
N SER B 92 11.35 -0.67 -9.92
CA SER B 92 12.55 -0.01 -10.43
C SER B 92 13.76 -0.88 -10.13
N GLY B 93 14.84 -0.66 -10.88
CA GLY B 93 16.12 -1.26 -10.57
C GLY B 93 16.23 -2.75 -10.83
N ALA B 94 16.45 -3.52 -9.77
CA ALA B 94 16.87 -4.90 -9.91
C ALA B 94 15.80 -5.77 -10.55
N VAL B 95 16.24 -6.62 -11.49
CA VAL B 95 15.39 -7.64 -12.12
C VAL B 95 15.42 -8.90 -11.28
N ASN B 96 14.25 -9.49 -11.05
CA ASN B 96 14.14 -10.72 -10.26
C ASN B 96 14.27 -11.88 -11.23
N THR B 97 15.47 -12.49 -11.27
CA THR B 97 15.77 -13.48 -12.30
C THR B 97 14.80 -14.66 -12.27
N ALA B 98 14.46 -15.16 -11.08
CA ALA B 98 13.58 -16.33 -11.00
C ALA B 98 12.20 -16.02 -11.58
N GLY B 99 11.71 -14.80 -11.35
CA GLY B 99 10.43 -14.41 -11.91
C GLY B 99 10.45 -14.40 -13.42
N LEU B 100 11.47 -13.76 -14.01
CA LEU B 100 11.57 -13.75 -15.46
C LEU B 100 11.80 -15.16 -16.02
N ASP B 101 12.55 -16.00 -15.30
CA ASP B 101 12.80 -17.39 -15.73
C ASP B 101 11.50 -18.17 -15.87
N TYR B 102 10.56 -17.95 -14.95
CA TYR B 102 9.25 -18.61 -15.08
C TYR B 102 8.60 -18.31 -16.43
N TYR B 103 8.55 -17.04 -16.81
CA TYR B 103 7.88 -16.69 -18.08
C TYR B 103 8.69 -17.14 -19.29
N ASP B 104 10.02 -17.12 -19.19
CA ASP B 104 10.84 -17.69 -20.26
C ASP B 104 10.49 -19.17 -20.47
N ARG B 105 10.33 -19.92 -19.38
CA ARG B 105 9.97 -21.34 -19.48
C ARG B 105 8.58 -21.51 -20.07
N VAL B 106 7.61 -20.70 -19.63
CA VAL B 106 6.27 -20.73 -20.21
C VAL B 106 6.32 -20.53 -21.73
N VAL B 107 7.11 -19.55 -22.16
CA VAL B 107 7.21 -19.27 -23.60
C VAL B 107 7.76 -20.48 -24.34
N ASP B 108 8.85 -21.08 -23.84
CA ASP B 108 9.42 -22.25 -24.50
C ASP B 108 8.42 -23.39 -24.58
N ASP B 109 7.67 -23.65 -23.50
CA ASP B 109 6.71 -24.74 -23.50
C ASP B 109 5.59 -24.52 -24.50
N LEU B 110 5.07 -23.28 -24.55
CA LEU B 110 4.05 -22.96 -25.54
C LEU B 110 4.56 -23.23 -26.95
N LEU B 111 5.73 -22.68 -27.29
CA LEU B 111 6.23 -22.84 -28.67
C LEU B 111 6.51 -24.30 -28.99
N ALA B 112 7.00 -25.08 -28.03
CA ALA B 112 7.17 -26.51 -28.26
C ALA B 112 5.85 -27.20 -28.56
N GLU B 113 4.74 -26.68 -28.04
CA GLU B 113 3.45 -27.25 -28.40
C GLU B 113 2.80 -26.59 -29.61
N GLY B 114 3.54 -25.74 -30.32
CA GLY B 114 2.98 -25.06 -31.47
C GLY B 114 1.93 -24.02 -31.11
N ILE B 115 2.03 -23.43 -29.92
CA ILE B 115 1.09 -22.39 -29.49
C ILE B 115 1.84 -21.07 -29.41
N LYS B 116 1.26 -20.05 -30.03
CA LYS B 116 1.80 -18.69 -30.06
C LYS B 116 1.54 -17.95 -28.75
N PRO B 117 2.58 -17.44 -28.08
CA PRO B 117 2.34 -16.60 -26.88
C PRO B 117 1.95 -15.18 -27.26
N PHE B 118 0.85 -14.70 -26.67
CA PHE B 118 0.41 -13.32 -26.79
C PHE B 118 0.56 -12.71 -25.40
N VAL B 119 1.57 -11.88 -25.20
CA VAL B 119 1.98 -11.47 -23.87
C VAL B 119 1.40 -10.11 -23.55
N THR B 120 0.65 -10.03 -22.45
CA THR B 120 0.22 -8.76 -21.88
C THR B 120 1.24 -8.30 -20.84
N LEU B 121 1.74 -7.06 -21.00
CA LEU B 121 2.71 -6.54 -20.05
C LEU B 121 2.06 -6.03 -18.77
N TYR B 122 1.01 -5.22 -18.89
CA TYR B 122 0.35 -4.65 -17.71
C TYR B 122 -1.08 -5.14 -17.63
N HIS B 123 -1.36 -6.00 -16.68
CA HIS B 123 -2.74 -6.43 -16.49
C HIS B 123 -3.16 -6.10 -15.06
N TRP B 124 -2.93 -4.86 -14.64
CA TRP B 124 -3.47 -4.19 -13.45
C TRP B 124 -2.63 -4.38 -12.20
N ASP B 125 -1.66 -5.29 -12.19
CA ASP B 125 -0.93 -5.60 -10.97
C ASP B 125 0.29 -4.69 -10.80
N LEU B 126 0.01 -3.40 -10.67
CA LEU B 126 1.05 -2.41 -10.43
C LEU B 126 1.80 -2.75 -9.16
N PRO B 127 3.14 -2.77 -9.18
CA PRO B 127 3.89 -2.97 -7.94
C PRO B 127 3.48 -1.95 -6.89
N GLN B 128 3.18 -2.46 -5.68
CA GLN B 128 2.77 -1.58 -4.58
C GLN B 128 3.81 -0.51 -4.28
N ALA B 129 5.10 -0.85 -4.45
CA ALA B 129 6.14 0.14 -4.19
C ALA B 129 5.98 1.36 -5.09
N LEU B 130 5.50 1.18 -6.32
CA LEU B 130 5.26 2.33 -7.18
C LEU B 130 4.00 3.08 -6.78
N GLN B 131 2.97 2.38 -6.31
CA GLN B 131 1.79 3.06 -5.77
C GLN B 131 2.15 3.92 -4.57
N ASP B 132 3.12 3.46 -3.76
CA ASP B 132 3.55 4.27 -2.61
C ASP B 132 4.23 5.57 -3.03
N LEU B 133 4.56 5.74 -4.31
CA LEU B 133 5.09 6.98 -4.88
C LEU B 133 4.04 7.77 -5.68
N GLY B 134 2.76 7.41 -5.56
CA GLY B 134 1.70 8.05 -6.31
C GLY B 134 1.11 7.19 -7.43
N GLY B 135 1.75 6.08 -7.78
CA GLY B 135 1.18 5.17 -8.77
C GLY B 135 0.98 5.86 -10.10
N TRP B 136 -0.20 5.64 -10.70
CA TRP B 136 -0.49 6.22 -12.01
C TRP B 136 -0.77 7.71 -11.97
N ASP B 137 -0.80 8.34 -10.80
CA ASP B 137 -0.81 9.80 -10.70
C ASP B 137 0.60 10.37 -10.69
N ASN B 138 1.62 9.54 -10.91
CA ASN B 138 3.01 9.97 -10.98
C ASN B 138 3.54 9.59 -12.36
N ARG B 139 3.85 10.59 -13.19
CA ARG B 139 4.38 10.33 -14.53
C ARG B 139 5.57 9.39 -14.53
N ASP B 140 6.40 9.41 -13.47
CA ASP B 140 7.55 8.50 -13.39
C ASP B 140 7.13 7.05 -13.62
N THR B 141 5.93 6.69 -13.18
CA THR B 141 5.46 5.32 -13.31
C THR B 141 5.39 4.89 -14.77
N ALA B 142 5.02 5.82 -15.67
CA ALA B 142 5.00 5.46 -17.09
C ALA B 142 6.39 5.09 -17.57
N TYR B 143 7.40 5.83 -17.11
CA TYR B 143 8.76 5.49 -17.50
C TYR B 143 9.22 4.21 -16.84
N ARG B 144 8.78 3.94 -15.61
CA ARG B 144 9.09 2.65 -15.02
C ARG B 144 8.49 1.55 -15.87
N PHE B 145 7.28 1.79 -16.40
CA PHE B 145 6.66 0.75 -17.21
C PHE B 145 7.50 0.47 -18.44
N ALA B 146 8.01 1.54 -19.06
CA ALA B 146 8.79 1.35 -20.28
C ALA B 146 10.05 0.57 -19.98
N GLU B 147 10.69 0.85 -18.83
CA GLU B 147 11.88 0.08 -18.47
C GLU B 147 11.53 -1.39 -18.33
N TYR B 148 10.41 -1.67 -17.66
CA TYR B 148 9.97 -3.05 -17.51
C TYR B 148 9.71 -3.67 -18.87
N ALA B 149 9.05 -2.93 -19.76
CA ALA B 149 8.78 -3.46 -21.09
C ALA B 149 10.08 -3.85 -21.79
N ALA B 150 11.10 -3.01 -21.64
CA ALA B 150 12.34 -3.28 -22.36
C ALA B 150 13.01 -4.52 -21.80
N VAL B 151 12.91 -4.74 -20.48
CA VAL B 151 13.51 -5.92 -19.89
C VAL B 151 12.80 -7.17 -20.40
N VAL B 152 11.48 -7.12 -20.51
CA VAL B 152 10.76 -8.34 -20.90
C VAL B 152 10.99 -8.60 -22.38
N GLY B 153 10.91 -7.55 -23.21
CA GLY B 153 11.15 -7.71 -24.63
C GLY B 153 12.54 -8.22 -24.94
N ALA B 154 13.55 -7.69 -24.24
CA ALA B 154 14.91 -8.16 -24.44
C ALA B 154 15.04 -9.64 -24.12
N LYS B 155 14.30 -10.12 -23.10
CA LYS B 155 14.48 -11.52 -22.71
C LYS B 155 13.67 -12.44 -23.60
N LEU B 156 12.43 -12.06 -23.89
CA LEU B 156 11.46 -12.94 -24.54
C LEU B 156 11.23 -12.62 -26.01
N GLY B 157 11.66 -11.46 -26.49
CA GLY B 157 11.27 -10.98 -27.81
C GLY B 157 11.94 -11.66 -28.99
N ASP B 158 12.81 -12.64 -28.75
CA ASP B 158 13.27 -13.52 -29.81
C ASP B 158 12.23 -14.57 -30.16
N ARG B 159 11.31 -14.86 -29.25
CA ARG B 159 10.31 -15.90 -29.40
C ARG B 159 8.89 -15.36 -29.34
N VAL B 160 8.62 -14.44 -28.42
CA VAL B 160 7.34 -13.75 -28.38
C VAL B 160 7.34 -12.68 -29.46
N ARG B 161 6.36 -12.76 -30.37
CA ARG B 161 6.22 -11.82 -31.48
C ARG B 161 4.96 -10.98 -31.39
N ASP B 162 4.14 -11.20 -30.36
CA ASP B 162 2.82 -10.58 -30.29
C ASP B 162 2.60 -10.06 -28.88
N TRP B 163 2.46 -8.73 -28.76
CA TRP B 163 2.55 -8.08 -27.45
C TRP B 163 1.35 -7.14 -27.24
N VAL B 164 0.85 -7.15 -26.02
CA VAL B 164 -0.10 -6.14 -25.54
C VAL B 164 0.62 -5.32 -24.48
N THR B 165 0.51 -4.00 -24.57
CA THR B 165 1.06 -3.11 -23.55
C THR B 165 0.18 -3.10 -22.29
N LEU B 166 -1.02 -2.53 -22.39
CA LEU B 166 -1.95 -2.43 -21.27
C LEU B 166 -3.23 -3.19 -21.59
N ASN B 167 -3.79 -3.85 -20.58
CA ASN B 167 -5.13 -4.43 -20.64
C ASN B 167 -6.13 -3.48 -20.00
N GLU B 168 -7.12 -3.04 -20.78
CA GLU B 168 -8.27 -2.30 -20.26
C GLU B 168 -7.88 -1.13 -19.38
N PRO B 169 -7.22 -0.11 -19.92
CA PRO B 169 -6.85 1.05 -19.07
C PRO B 169 -8.04 1.77 -18.46
N LEU B 170 -9.21 1.70 -19.10
CA LEU B 170 -10.44 2.25 -18.50
C LEU B 170 -10.66 1.70 -17.10
N CYS B 171 -10.52 0.38 -16.92
CA CYS B 171 -10.73 -0.19 -15.60
C CYS B 171 -9.72 0.36 -14.60
N SER B 172 -8.43 0.36 -14.98
CA SER B 172 -7.39 0.92 -14.10
C SER B 172 -7.72 2.36 -13.69
N ALA B 173 -8.04 3.22 -14.66
CA ALA B 173 -8.22 4.64 -14.37
C ALA B 173 -9.57 4.93 -13.73
N TRP B 174 -10.67 4.66 -14.44
CA TRP B 174 -11.99 5.00 -13.92
C TRP B 174 -12.38 4.09 -12.76
N ILE B 175 -12.22 2.78 -12.91
CA ILE B 175 -12.72 1.96 -11.82
C ILE B 175 -11.71 1.99 -10.66
N GLY B 176 -10.40 2.06 -10.95
CA GLY B 176 -9.45 2.06 -9.86
C GLY B 176 -9.24 3.40 -9.16
N HIS B 177 -9.57 4.52 -9.83
CA HIS B 177 -9.27 5.84 -9.28
C HIS B 177 -10.47 6.78 -9.21
N TRP B 178 -11.57 6.48 -9.89
CA TRP B 178 -12.77 7.31 -9.82
C TRP B 178 -13.85 6.64 -8.98
N GLU B 179 -14.31 5.46 -9.38
CA GLU B 179 -15.30 4.72 -8.60
C GLU B 179 -14.68 4.09 -7.35
N GLY B 180 -13.40 3.75 -7.38
CA GLY B 180 -12.77 3.12 -6.24
C GLY B 180 -13.13 1.66 -6.03
N ARG B 181 -13.75 1.01 -7.01
CA ARG B 181 -14.14 -0.39 -6.85
C ARG B 181 -13.04 -1.37 -7.22
N MET B 182 -11.97 -0.90 -7.85
CA MET B 182 -10.80 -1.71 -8.17
C MET B 182 -9.57 -1.05 -7.59
N ALA B 183 -8.48 -1.81 -7.46
CA ALA B 183 -7.23 -1.29 -6.92
C ALA B 183 -6.76 -0.10 -7.76
N PRO B 184 -6.23 0.96 -7.12
CA PRO B 184 -5.95 1.09 -5.69
C PRO B 184 -7.09 1.64 -4.84
N GLY B 185 -8.30 1.73 -5.38
CA GLY B 185 -9.43 2.14 -4.56
C GLY B 185 -9.52 3.64 -4.32
N ILE B 186 -8.92 4.43 -5.18
CA ILE B 186 -8.97 5.87 -5.07
C ILE B 186 -10.31 6.36 -5.62
N THR B 187 -10.85 7.45 -5.03
CA THR B 187 -12.16 8.00 -5.41
C THR B 187 -12.00 9.49 -5.67
N ASP B 188 -11.43 9.85 -6.82
CA ASP B 188 -11.12 11.24 -7.09
C ASP B 188 -11.06 11.48 -8.59
N PRO B 189 -12.05 12.14 -9.18
CA PRO B 189 -12.06 12.27 -10.66
C PRO B 189 -10.81 12.91 -11.22
N ALA B 190 -10.25 13.93 -10.57
CA ALA B 190 -9.05 14.59 -11.10
C ALA B 190 -7.87 13.62 -11.12
N ILE B 191 -7.67 12.88 -10.02
CA ILE B 191 -6.63 11.86 -10.01
C ILE B 191 -6.89 10.83 -11.09
N ALA B 192 -8.15 10.39 -11.23
CA ALA B 192 -8.47 9.38 -12.24
C ALA B 192 -8.14 9.88 -13.66
N VAL B 193 -8.46 11.14 -13.96
CA VAL B 193 -8.18 11.66 -15.31
C VAL B 193 -6.67 11.72 -15.55
N ARG B 194 -5.91 12.22 -14.57
CA ARG B 194 -4.45 12.22 -14.73
C ARG B 194 -3.92 10.80 -14.89
N ALA B 195 -4.49 9.85 -14.14
CA ALA B 195 -4.08 8.46 -14.26
C ALA B 195 -4.36 7.92 -15.66
N SER B 196 -5.54 8.25 -16.22
CA SER B 196 -5.83 7.81 -17.57
C SER B 196 -4.77 8.33 -18.53
N TYR B 197 -4.33 9.57 -18.31
CA TYR B 197 -3.32 10.18 -19.18
C TYR B 197 -1.97 9.46 -19.06
N ASN B 198 -1.52 9.23 -17.83
CA ASN B 198 -0.22 8.56 -17.66
C ASN B 198 -0.27 7.09 -18.11
N LEU B 199 -1.44 6.47 -18.01
CA LEU B 199 -1.62 5.12 -18.55
C LEU B 199 -1.44 5.12 -20.06
N LEU B 200 -2.08 6.07 -20.75
CA LEU B 200 -1.91 6.11 -22.21
C LEU B 200 -0.46 6.41 -22.59
N LEU B 201 0.17 7.34 -21.87
CA LEU B 201 1.58 7.61 -22.10
C LEU B 201 2.42 6.35 -21.91
N ALA B 202 2.16 5.61 -20.84
CA ALA B 202 2.86 4.36 -20.60
C ALA B 202 2.69 3.41 -21.77
N HIS B 203 1.48 3.33 -22.32
CA HIS B 203 1.28 2.52 -23.52
C HIS B 203 2.24 2.94 -24.64
N GLY B 204 2.30 4.24 -24.94
CA GLY B 204 3.13 4.69 -26.06
C GLY B 204 4.62 4.44 -25.83
N LEU B 205 5.10 4.79 -24.63
CA LEU B 205 6.49 4.50 -24.25
C LEU B 205 6.78 3.00 -24.32
N GLY B 206 5.79 2.18 -23.96
CA GLY B 206 6.00 0.73 -23.98
C GLY B 206 6.09 0.18 -25.39
N VAL B 207 5.30 0.73 -26.33
CA VAL B 207 5.46 0.37 -27.73
C VAL B 207 6.90 0.63 -28.17
N ALA B 208 7.38 1.85 -27.91
CA ALA B 208 8.75 2.19 -28.32
C ALA B 208 9.77 1.27 -27.64
N ALA B 209 9.58 1.01 -26.35
CA ALA B 209 10.52 0.15 -25.63
C ALA B 209 10.59 -1.24 -26.26
N LEU B 210 9.43 -1.82 -26.61
CA LEU B 210 9.42 -3.15 -27.21
C LEU B 210 10.10 -3.15 -28.59
N ARG B 211 9.79 -2.16 -29.43
CA ARG B 211 10.45 -2.13 -30.72
C ARG B 211 11.96 -1.97 -30.58
N ASP B 212 12.41 -1.26 -29.53
CA ASP B 212 13.85 -1.11 -29.34
C ASP B 212 14.50 -2.37 -28.77
N ALA B 213 13.82 -3.08 -27.87
CA ALA B 213 14.47 -4.13 -27.10
C ALA B 213 14.27 -5.55 -27.64
N CYS B 214 13.19 -5.83 -28.35
CA CYS B 214 12.94 -7.19 -28.84
C CYS B 214 13.96 -7.55 -29.91
N PRO B 215 14.65 -8.70 -29.77
CA PRO B 215 15.60 -9.10 -30.84
C PRO B 215 14.96 -9.32 -32.20
N GLU B 216 13.67 -9.66 -32.24
CA GLU B 216 12.92 -9.80 -33.48
C GLU B 216 11.76 -8.83 -33.47
N PRO B 217 11.38 -8.27 -34.61
CA PRO B 217 10.39 -7.17 -34.63
C PRO B 217 9.06 -7.61 -34.04
N PRO B 218 8.55 -6.88 -33.06
CA PRO B 218 7.29 -7.26 -32.40
C PRO B 218 6.07 -6.70 -33.10
N ALA B 219 4.96 -7.43 -32.95
CA ALA B 219 3.63 -6.89 -33.21
C ALA B 219 3.06 -6.45 -31.87
N VAL B 220 2.65 -5.18 -31.78
CA VAL B 220 2.31 -4.56 -30.50
C VAL B 220 0.97 -3.85 -30.63
N GLY B 221 0.12 -3.99 -29.61
CA GLY B 221 -1.14 -3.29 -29.59
C GLY B 221 -1.64 -3.03 -28.18
N LEU B 222 -2.60 -2.12 -28.08
CA LEU B 222 -3.38 -1.88 -26.87
C LEU B 222 -4.59 -2.81 -26.82
N VAL B 223 -5.00 -3.19 -25.62
CA VAL B 223 -6.27 -3.89 -25.42
C VAL B 223 -7.22 -2.95 -24.70
N VAL B 224 -8.39 -2.70 -25.30
CA VAL B 224 -9.41 -1.84 -24.70
C VAL B 224 -10.71 -2.60 -24.61
N ASN B 225 -11.40 -2.47 -23.46
CA ASN B 225 -12.75 -3.00 -23.33
C ASN B 225 -13.72 -1.95 -23.82
N LEU B 226 -14.47 -2.27 -24.87
CA LEU B 226 -15.37 -1.31 -25.49
C LEU B 226 -16.81 -1.75 -25.27
N SER B 227 -17.71 -0.77 -25.31
CA SER B 227 -19.12 -1.04 -25.05
C SER B 227 -19.95 -0.01 -25.80
N GLY B 228 -20.83 -0.46 -26.68
CA GLY B 228 -21.78 0.45 -27.30
C GLY B 228 -22.64 1.15 -26.27
N CYS B 229 -22.75 2.47 -26.34
CA CYS B 229 -23.52 3.26 -25.38
C CYS B 229 -24.75 3.82 -26.08
N GLU B 230 -25.93 3.38 -25.63
CA GLU B 230 -27.20 3.70 -26.26
C GLU B 230 -28.13 4.37 -25.26
N PRO B 231 -28.90 5.37 -25.68
CA PRO B 231 -29.71 6.12 -24.73
C PRO B 231 -30.91 5.31 -24.24
N ALA B 232 -31.23 5.49 -22.96
CA ALA B 232 -32.37 4.80 -22.35
C ALA B 232 -33.69 5.26 -22.93
N SER B 233 -33.76 6.49 -23.38
CA SER B 233 -34.95 7.00 -24.04
C SER B 233 -34.49 7.96 -25.12
N GLN B 234 -35.44 8.45 -25.91
CA GLN B 234 -35.14 9.43 -26.92
C GLN B 234 -35.22 10.88 -26.43
N SER B 235 -35.26 11.10 -25.11
CA SER B 235 -35.15 12.47 -24.62
C SER B 235 -33.81 13.08 -25.04
N PRO B 236 -33.75 14.39 -25.27
CA PRO B 236 -32.46 15.01 -25.61
C PRO B 236 -31.40 14.76 -24.54
N GLU B 237 -31.82 14.77 -23.27
CA GLU B 237 -30.91 14.52 -22.16
C GLU B 237 -30.31 13.12 -22.22
N ASP B 238 -31.14 12.11 -22.49
CA ASP B 238 -30.61 10.74 -22.55
C ASP B 238 -29.72 10.55 -23.77
N ILE B 239 -30.07 11.16 -24.91
CA ILE B 239 -29.24 11.03 -26.10
C ILE B 239 -27.85 11.62 -25.85
N ARG B 240 -27.81 12.83 -25.28
CA ARG B 240 -26.51 13.43 -25.00
C ARG B 240 -25.76 12.64 -23.94
N ALA B 241 -26.47 12.15 -22.91
CA ALA B 241 -25.83 11.37 -21.87
C ALA B 241 -25.17 10.12 -22.44
N ALA B 242 -25.87 9.41 -23.33
CA ALA B 242 -25.29 8.23 -23.96
C ALA B 242 -24.07 8.60 -24.79
N ARG B 243 -24.08 9.77 -25.46
CA ARG B 243 -22.90 10.16 -26.23
C ARG B 243 -21.71 10.49 -25.32
N ILE B 244 -21.97 11.13 -24.18
CA ILE B 244 -20.90 11.42 -23.23
C ILE B 244 -20.35 10.13 -22.66
N ALA B 245 -21.22 9.17 -22.32
CA ALA B 245 -20.77 7.86 -21.91
C ALA B 245 -19.88 7.22 -22.98
N ASP B 246 -20.28 7.37 -24.27
CA ASP B 246 -19.43 6.85 -25.34
C ASP B 246 -18.05 7.50 -25.32
N GLY B 247 -17.98 8.80 -25.01
CA GLY B 247 -16.68 9.42 -24.84
C GLY B 247 -15.91 8.82 -23.67
N HIS B 248 -16.59 8.64 -22.53
CA HIS B 248 -15.96 8.19 -21.29
C HIS B 248 -15.38 6.79 -21.44
N PHE B 249 -16.15 5.86 -22.01
CA PHE B 249 -15.77 4.46 -22.07
C PHE B 249 -15.00 4.07 -23.34
N ASN B 250 -15.24 4.76 -24.46
CA ASN B 250 -14.66 4.36 -25.74
C ASN B 250 -13.73 5.41 -26.32
N ARG B 251 -14.23 6.63 -26.61
CA ARG B 251 -13.46 7.57 -27.41
C ARG B 251 -12.27 8.15 -26.66
N TRP B 252 -12.38 8.29 -25.34
CA TRP B 252 -11.26 8.80 -24.56
C TRP B 252 -10.01 7.98 -24.80
N TRP B 253 -10.18 6.68 -25.07
CA TRP B 253 -9.09 5.74 -25.29
C TRP B 253 -8.73 5.61 -26.76
N LEU B 254 -9.74 5.54 -27.63
CA LEU B 254 -9.49 5.31 -29.05
C LEU B 254 -8.93 6.55 -29.75
N ASP B 255 -9.44 7.73 -29.40
CA ASP B 255 -9.05 8.96 -30.11
C ASP B 255 -7.56 9.27 -29.98
N PRO B 256 -6.99 9.43 -28.78
CA PRO B 256 -5.57 9.83 -28.73
C PRO B 256 -4.62 8.75 -29.21
N THR B 257 -4.96 7.47 -29.04
CA THR B 257 -4.08 6.42 -29.55
C THR B 257 -4.16 6.30 -31.07
N SER B 258 -5.22 6.80 -31.70
CA SER B 258 -5.33 6.79 -33.15
C SER B 258 -4.87 8.11 -33.78
N GLY B 259 -4.25 9.00 -33.01
CA GLY B 259 -3.76 10.27 -33.54
C GLY B 259 -4.76 11.39 -33.60
N ARG B 260 -5.90 11.28 -32.93
CA ARG B 260 -6.95 12.30 -33.00
C ARG B 260 -7.02 13.18 -31.77
N GLY B 261 -6.01 13.15 -30.91
CA GLY B 261 -6.03 13.96 -29.70
C GLY B 261 -7.09 13.47 -28.72
N PHE B 262 -7.20 14.19 -27.59
CA PHE B 262 -8.29 13.89 -26.66
C PHE B 262 -9.57 14.61 -27.11
N PRO B 263 -10.71 13.94 -27.04
CA PRO B 263 -11.96 14.54 -27.55
C PRO B 263 -12.38 15.74 -26.72
N ALA B 264 -12.74 16.82 -27.42
CA ALA B 264 -13.04 18.08 -26.74
C ALA B 264 -14.25 17.95 -25.81
N ASP B 265 -15.29 17.21 -26.22
CA ASP B 265 -16.46 17.14 -25.36
C ASP B 265 -16.12 16.48 -24.01
N MET B 266 -15.19 15.53 -24.01
CA MET B 266 -14.81 14.91 -22.74
C MET B 266 -13.83 15.79 -21.95
N VAL B 267 -12.87 16.43 -22.62
CA VAL B 267 -12.00 17.36 -21.91
C VAL B 267 -12.83 18.41 -21.17
N GLU B 268 -13.86 18.93 -21.85
CA GLU B 268 -14.75 19.90 -21.22
C GLU B 268 -15.59 19.25 -20.12
N THR B 269 -16.05 18.02 -20.34
CA THR B 269 -16.83 17.34 -19.31
C THR B 269 -16.02 17.20 -18.01
N TYR B 270 -14.77 16.73 -18.11
CA TYR B 270 -14.02 16.44 -16.88
C TYR B 270 -13.58 17.71 -16.18
N GLY B 271 -13.20 18.74 -16.94
CA GLY B 271 -12.66 19.95 -16.35
C GLY B 271 -11.36 19.75 -15.60
N VAL B 272 -10.52 18.82 -16.05
CA VAL B 272 -9.25 18.48 -15.42
C VAL B 272 -8.12 18.88 -16.35
N GLU B 273 -7.11 19.55 -15.81
CA GLU B 273 -5.93 19.87 -16.61
C GLU B 273 -5.09 18.61 -16.80
N LEU B 274 -4.87 18.24 -18.06
CA LEU B 274 -4.07 17.05 -18.34
C LEU B 274 -2.59 17.34 -18.06
N PRO B 275 -1.83 16.35 -17.45
CA PRO B 275 -0.40 16.58 -17.12
C PRO B 275 0.50 16.41 -18.34
N GLU B 276 0.38 17.33 -19.29
CA GLU B 276 0.95 17.16 -20.61
C GLU B 276 2.36 17.72 -20.72
N ARG B 277 3.14 17.09 -21.59
CA ARG B 277 4.47 17.53 -22.01
C ARG B 277 4.46 17.57 -23.53
N PRO B 278 5.06 18.59 -24.15
CA PRO B 278 5.12 18.62 -25.62
C PRO B 278 5.68 17.31 -26.16
N GLY B 279 5.07 16.81 -27.24
CA GLY B 279 5.45 15.54 -27.81
C GLY B 279 4.72 14.34 -27.24
N ASP B 280 3.92 14.53 -26.18
CA ASP B 280 3.23 13.40 -25.57
C ASP B 280 2.23 12.77 -26.51
N LEU B 281 1.48 13.59 -27.27
CA LEU B 281 0.45 13.03 -28.13
C LEU B 281 1.05 12.11 -29.18
N GLU B 282 2.23 12.47 -29.69
CA GLU B 282 2.89 11.59 -30.66
C GLU B 282 3.36 10.30 -30.01
N ILE B 283 3.68 10.32 -28.71
CA ILE B 283 3.98 9.09 -27.98
C ILE B 283 2.71 8.25 -27.83
N ILE B 284 1.61 8.87 -27.39
CA ILE B 284 0.38 8.13 -27.14
C ILE B 284 -0.13 7.48 -28.42
N ALA B 285 0.06 8.15 -29.56
CA ALA B 285 -0.35 7.65 -30.86
C ALA B 285 0.72 6.81 -31.56
N ALA B 286 1.67 6.26 -30.79
CA ALA B 286 2.70 5.40 -31.39
C ALA B 286 2.04 4.36 -32.28
N PRO B 287 2.50 4.18 -33.53
CA PRO B 287 1.88 3.20 -34.43
C PRO B 287 1.86 1.81 -33.82
N THR B 288 0.72 1.14 -33.93
CA THR B 288 0.55 -0.20 -33.41
C THR B 288 0.19 -1.14 -34.56
N ASP B 289 0.33 -2.44 -34.29
CA ASP B 289 0.16 -3.44 -35.33
C ASP B 289 -1.19 -4.14 -35.25
N PHE B 290 -1.95 -3.90 -34.19
CA PHE B 290 -3.31 -4.38 -34.08
C PHE B 290 -3.96 -3.62 -32.95
N ILE B 291 -5.27 -3.77 -32.84
CA ILE B 291 -6.03 -3.31 -31.68
C ILE B 291 -6.69 -4.53 -31.06
N GLY B 292 -6.65 -4.62 -29.73
CA GLY B 292 -7.28 -5.71 -29.03
C GLY B 292 -8.60 -5.24 -28.45
N LEU B 293 -9.69 -5.85 -28.92
CA LEU B 293 -11.03 -5.54 -28.46
C LEU B 293 -11.47 -6.55 -27.40
N ASN B 294 -11.75 -6.06 -26.19
CA ASN B 294 -12.43 -6.84 -25.17
C ASN B 294 -13.91 -6.42 -25.17
N TYR B 295 -14.81 -7.40 -25.29
CA TYR B 295 -16.22 -7.06 -25.33
C TYR B 295 -17.03 -8.07 -24.53
N TYR B 296 -17.94 -7.55 -23.71
CA TYR B 296 -18.87 -8.38 -22.95
C TYR B 296 -20.30 -7.88 -23.06
N PHE B 297 -20.51 -6.56 -23.15
CA PHE B 297 -21.86 -6.00 -23.10
C PHE B 297 -21.87 -4.58 -23.66
N ARG B 298 -23.05 -4.17 -24.15
CA ARG B 298 -23.33 -2.74 -24.36
C ARG B 298 -23.84 -2.12 -23.07
N GLN B 299 -23.97 -0.80 -23.07
CA GLN B 299 -24.53 -0.06 -21.94
C GLN B 299 -25.71 0.79 -22.40
N ILE B 300 -26.82 0.64 -21.70
CA ILE B 300 -27.95 1.56 -21.84
C ILE B 300 -27.73 2.67 -20.82
N ILE B 301 -27.77 3.92 -21.28
CA ILE B 301 -27.33 5.08 -20.52
C ILE B 301 -28.48 6.06 -20.40
N GLU B 302 -28.72 6.57 -19.18
CA GLU B 302 -29.68 7.64 -18.95
C GLU B 302 -28.98 8.84 -18.31
N ALA B 303 -29.49 10.03 -18.62
CA ALA B 303 -29.06 11.23 -17.90
C ALA B 303 -29.37 11.07 -16.42
N ASP B 304 -28.45 11.53 -15.57
CA ASP B 304 -28.57 11.34 -14.13
C ASP B 304 -27.83 12.49 -13.46
N GLY B 305 -28.59 13.49 -12.99
CA GLY B 305 -27.99 14.65 -12.34
C GLY B 305 -27.36 14.35 -11.00
N SER B 306 -27.59 13.17 -10.43
CA SER B 306 -26.98 12.84 -9.15
C SER B 306 -25.56 12.32 -9.30
N VAL B 307 -25.06 12.17 -10.53
CA VAL B 307 -23.72 11.65 -10.78
C VAL B 307 -22.81 12.84 -11.04
N PRO B 308 -21.89 13.18 -10.13
CA PRO B 308 -21.03 14.35 -10.35
C PRO B 308 -20.18 14.17 -11.61
N VAL B 309 -19.97 15.30 -12.29
CA VAL B 309 -19.11 15.41 -13.47
C VAL B 309 -19.74 14.73 -14.69
N LEU B 310 -20.03 13.44 -14.59
CA LEU B 310 -20.48 12.70 -15.76
C LEU B 310 -21.96 12.95 -16.07
N GLY B 311 -22.81 13.02 -15.05
CA GLY B 311 -24.21 13.28 -15.30
C GLY B 311 -24.93 12.17 -16.04
N PHE B 312 -24.47 10.92 -15.91
CA PHE B 312 -25.16 9.81 -16.54
C PHE B 312 -25.01 8.57 -15.66
N SER B 313 -25.94 7.63 -15.85
CA SER B 313 -25.94 6.34 -15.16
C SER B 313 -26.28 5.24 -16.16
N GLN B 314 -25.73 4.05 -15.92
CA GLN B 314 -26.13 2.86 -16.66
C GLN B 314 -27.41 2.29 -16.07
N VAL B 315 -28.31 1.84 -16.94
CA VAL B 315 -29.52 1.14 -16.55
C VAL B 315 -29.50 -0.24 -17.21
N PRO B 316 -30.29 -1.19 -16.71
CA PRO B 316 -30.25 -2.56 -17.28
C PRO B 316 -30.62 -2.59 -18.75
N GLY B 317 -29.93 -3.44 -19.49
CA GLY B 317 -30.24 -3.69 -20.88
C GLY B 317 -31.50 -4.51 -21.05
N PRO B 318 -32.16 -4.39 -22.21
CA PRO B 318 -33.50 -4.98 -22.37
C PRO B 318 -33.52 -6.46 -22.77
N ASN B 319 -32.43 -7.04 -23.26
CA ASN B 319 -32.49 -8.43 -23.68
C ASN B 319 -32.83 -9.34 -22.50
N ALA B 320 -33.54 -10.42 -22.80
CA ALA B 320 -33.97 -11.34 -21.74
C ALA B 320 -32.79 -12.04 -21.09
N GLU B 321 -31.78 -12.42 -21.89
CA GLU B 321 -30.67 -13.21 -21.37
C GLU B 321 -29.64 -12.31 -20.68
N HIS B 322 -29.32 -12.65 -19.43
CA HIS B 322 -28.31 -11.99 -18.61
C HIS B 322 -27.46 -13.07 -17.94
N THR B 323 -26.17 -12.81 -17.78
CA THR B 323 -25.29 -13.77 -17.13
C THR B 323 -25.49 -13.72 -15.61
N MET B 324 -24.77 -14.58 -14.89
CA MET B 324 -24.96 -14.63 -13.43
C MET B 324 -24.54 -13.32 -12.76
N ILE B 325 -23.68 -12.53 -13.37
CA ILE B 325 -23.32 -11.23 -12.81
C ILE B 325 -24.12 -10.11 -13.46
N ASP B 326 -25.28 -10.44 -14.06
CA ASP B 326 -26.22 -9.47 -14.59
C ASP B 326 -25.66 -8.66 -15.75
N TRP B 327 -24.79 -9.27 -16.54
CA TRP B 327 -24.36 -8.67 -17.79
C TRP B 327 -25.29 -9.15 -18.90
N GLU B 328 -25.95 -8.19 -19.56
CA GLU B 328 -26.84 -8.52 -20.66
C GLU B 328 -26.08 -9.23 -21.78
N VAL B 329 -26.68 -10.29 -22.33
CA VAL B 329 -26.11 -11.01 -23.46
C VAL B 329 -26.55 -10.31 -24.74
N HIS B 330 -25.58 -9.82 -25.51
CA HIS B 330 -25.87 -9.00 -26.70
C HIS B 330 -24.79 -9.20 -27.74
N PRO B 331 -24.82 -10.32 -28.47
CA PRO B 331 -23.76 -10.56 -29.45
C PRO B 331 -23.73 -9.55 -30.58
N ALA B 332 -24.85 -8.92 -30.93
CA ALA B 332 -24.81 -7.90 -31.97
C ALA B 332 -23.85 -6.77 -31.62
N GLY B 333 -23.69 -6.47 -30.33
CA GLY B 333 -22.76 -5.43 -29.91
C GLY B 333 -21.33 -5.71 -30.32
N LEU B 334 -20.95 -6.99 -30.35
CA LEU B 334 -19.59 -7.36 -30.76
C LEU B 334 -19.37 -7.09 -32.24
N GLU B 335 -20.31 -7.54 -33.06
CA GLU B 335 -20.26 -7.23 -34.50
C GLU B 335 -20.13 -5.73 -34.72
N GLU B 336 -21.00 -4.96 -34.05
CA GLU B 336 -20.98 -3.50 -34.22
C GLU B 336 -19.64 -2.90 -33.85
N LEU B 337 -19.04 -3.34 -32.72
CA LEU B 337 -17.79 -2.70 -32.29
C LEU B 337 -16.62 -3.09 -33.20
N ILE B 338 -16.61 -4.34 -33.71
CA ILE B 338 -15.58 -4.72 -34.66
C ILE B 338 -15.65 -3.85 -35.91
N LEU B 339 -16.87 -3.60 -36.40
CA LEU B 339 -17.01 -2.78 -37.61
C LEU B 339 -16.63 -1.33 -37.33
N ARG B 340 -17.00 -0.82 -36.15
CA ARG B 340 -16.62 0.55 -35.81
C ARG B 340 -15.11 0.72 -35.75
N LEU B 341 -14.41 -0.25 -35.17
CA LEU B 341 -12.95 -0.19 -35.18
C LEU B 341 -12.39 -0.26 -36.59
N ALA B 342 -12.98 -1.11 -37.44
CA ALA B 342 -12.46 -1.31 -38.78
C ALA B 342 -12.70 -0.09 -39.67
N LYS B 343 -13.85 0.55 -39.53
CA LYS B 343 -14.24 1.61 -40.47
C LYS B 343 -14.01 3.00 -39.90
N GLU B 344 -14.63 3.34 -38.77
CA GLU B 344 -14.46 4.69 -38.24
C GLU B 344 -13.02 4.91 -37.79
N TYR B 345 -12.39 3.90 -37.20
CA TYR B 345 -11.04 4.08 -36.71
C TYR B 345 -10.00 3.44 -37.62
N GLY B 346 -10.42 2.88 -38.75
CA GLY B 346 -9.47 2.41 -39.75
C GLY B 346 -8.49 1.38 -39.27
N ALA B 347 -8.86 0.58 -38.27
CA ALA B 347 -7.95 -0.43 -37.73
C ALA B 347 -7.56 -1.42 -38.82
N GLU B 348 -6.27 -1.67 -38.97
CA GLU B 348 -5.83 -2.60 -40.02
C GLU B 348 -5.83 -4.05 -39.57
N LYS B 349 -5.77 -4.30 -38.27
CA LYS B 349 -5.81 -5.67 -37.73
C LYS B 349 -6.48 -5.59 -36.37
N ILE B 350 -7.48 -6.44 -36.16
CA ILE B 350 -8.29 -6.44 -34.95
C ILE B 350 -8.27 -7.85 -34.38
N TYR B 351 -8.01 -8.00 -33.09
CA TYR B 351 -8.28 -9.27 -32.41
C TYR B 351 -9.38 -9.05 -31.39
N VAL B 352 -10.26 -10.04 -31.21
CA VAL B 352 -11.08 -10.08 -30.00
C VAL B 352 -10.20 -10.70 -28.91
N THR B 353 -9.64 -9.87 -28.05
CA THR B 353 -8.70 -10.31 -27.05
C THR B 353 -9.37 -10.79 -25.76
N GLU B 354 -10.65 -10.48 -25.56
CA GLU B 354 -11.45 -11.10 -24.50
C GLU B 354 -12.92 -11.09 -24.88
N ASN B 355 -13.60 -12.21 -24.62
CA ASN B 355 -15.05 -12.32 -24.71
C ASN B 355 -15.42 -13.63 -24.02
N GLY B 356 -16.48 -13.60 -23.22
CA GLY B 356 -16.87 -14.78 -22.47
C GLY B 356 -17.97 -14.43 -21.49
N SER B 357 -18.35 -15.41 -20.69
CA SER B 357 -19.51 -15.24 -19.83
C SER B 357 -19.39 -16.14 -18.60
N ALA B 358 -20.03 -15.69 -17.53
CA ALA B 358 -20.03 -16.37 -16.24
C ALA B 358 -21.44 -16.80 -15.91
N TRP B 359 -21.60 -18.07 -15.56
CA TRP B 359 -22.88 -18.66 -15.19
C TRP B 359 -22.65 -19.54 -13.97
N VAL B 360 -23.74 -19.89 -13.30
CA VAL B 360 -23.65 -20.79 -12.16
C VAL B 360 -23.37 -22.19 -12.71
N ASP B 361 -22.24 -22.77 -12.31
CA ASP B 361 -21.88 -24.12 -12.73
C ASP B 361 -22.35 -25.14 -11.71
N GLN B 362 -22.66 -26.35 -12.20
CA GLN B 362 -23.10 -27.45 -11.35
C GLN B 362 -22.16 -28.63 -11.54
N PRO B 363 -20.98 -28.59 -10.92
CA PRO B 363 -20.03 -29.70 -11.08
C PRO B 363 -20.50 -30.93 -10.32
N ASP B 364 -20.15 -32.11 -10.86
CA ASP B 364 -20.36 -33.36 -10.14
C ASP B 364 -19.14 -33.59 -9.24
N ALA B 365 -19.07 -34.77 -8.61
CA ALA B 365 -18.02 -35.03 -7.64
C ALA B 365 -16.62 -34.99 -8.26
N GLU B 366 -16.50 -35.21 -9.57
CA GLU B 366 -15.23 -35.13 -10.27
C GLU B 366 -15.09 -33.82 -11.03
N PHE B 367 -15.95 -32.84 -10.74
CA PHE B 367 -15.87 -31.49 -11.28
C PHE B 367 -16.18 -31.38 -12.78
N ALA B 368 -16.83 -32.40 -13.34
CA ALA B 368 -17.38 -32.27 -14.69
C ALA B 368 -18.56 -31.30 -14.67
N VAL B 369 -18.60 -30.39 -15.64
CA VAL B 369 -19.59 -29.32 -15.72
C VAL B 369 -20.20 -29.31 -17.12
N ASP B 370 -21.53 -29.34 -17.20
CA ASP B 370 -22.24 -29.17 -18.46
C ASP B 370 -22.84 -27.77 -18.42
N ASP B 371 -22.31 -26.85 -19.22
CA ASP B 371 -22.62 -25.42 -19.10
C ASP B 371 -23.21 -24.91 -20.41
N PRO B 372 -24.47 -25.26 -20.70
CA PRO B 372 -25.03 -24.91 -22.02
C PRO B 372 -25.17 -23.42 -22.24
N ASP B 373 -25.36 -22.61 -21.19
CA ASP B 373 -25.47 -21.17 -21.40
C ASP B 373 -24.13 -20.55 -21.79
N ARG B 374 -23.04 -20.96 -21.12
CA ARG B 374 -21.72 -20.47 -21.52
C ARG B 374 -21.39 -20.90 -22.94
N THR B 375 -21.71 -22.15 -23.29
CA THR B 375 -21.48 -22.66 -24.64
C THR B 375 -22.27 -21.85 -25.69
N ALA B 376 -23.55 -21.60 -25.43
CA ALA B 376 -24.36 -20.86 -26.38
C ALA B 376 -23.86 -19.42 -26.53
N TYR B 377 -23.44 -18.80 -25.42
CA TYR B 377 -22.87 -17.45 -25.50
C TYR B 377 -21.65 -17.44 -26.42
N LEU B 378 -20.75 -18.40 -26.21
CA LEU B 378 -19.58 -18.54 -27.08
C LEU B 378 -19.99 -18.64 -28.56
N GLU B 379 -20.91 -19.56 -28.87
CA GLU B 379 -21.24 -19.74 -30.29
C GLU B 379 -21.88 -18.50 -30.90
N GLU B 380 -22.79 -17.84 -30.18
CA GLU B 380 -23.45 -16.66 -30.76
C GLU B 380 -22.46 -15.51 -30.97
N HIS B 381 -21.49 -15.36 -30.06
CA HIS B 381 -20.52 -14.30 -30.29
C HIS B 381 -19.54 -14.65 -31.40
N LEU B 382 -19.25 -15.94 -31.60
CA LEU B 382 -18.47 -16.32 -32.78
C LEU B 382 -19.25 -16.01 -34.05
N ALA B 383 -20.57 -16.23 -34.04
CA ALA B 383 -21.38 -15.89 -35.22
C ALA B 383 -21.33 -14.40 -35.49
N ALA B 384 -21.34 -13.57 -34.44
CA ALA B 384 -21.18 -12.13 -34.63
C ALA B 384 -19.82 -11.79 -35.26
N CYS B 385 -18.76 -12.48 -34.82
CA CYS B 385 -17.44 -12.29 -35.43
C CYS B 385 -17.47 -12.63 -36.91
N VAL B 386 -18.09 -13.76 -37.26
CA VAL B 386 -18.22 -14.16 -38.66
C VAL B 386 -18.95 -13.08 -39.47
N ARG B 387 -20.05 -12.54 -38.92
CA ARG B 387 -20.76 -11.51 -39.68
C ARG B 387 -19.91 -10.27 -39.89
N ALA B 388 -19.10 -9.90 -38.89
CA ALA B 388 -18.20 -8.78 -39.06
C ALA B 388 -17.17 -9.03 -40.15
N VAL B 389 -16.64 -10.26 -40.21
CA VAL B 389 -15.69 -10.62 -41.26
C VAL B 389 -16.35 -10.60 -42.64
N GLU B 390 -17.59 -11.09 -42.74
CA GLU B 390 -18.29 -11.07 -44.02
C GLU B 390 -18.52 -9.64 -44.52
N GLN B 391 -18.54 -8.66 -43.62
CA GLN B 391 -18.72 -7.27 -43.99
C GLN B 391 -17.39 -6.53 -44.10
N GLY B 392 -16.28 -7.25 -44.19
CA GLY B 392 -14.99 -6.66 -44.52
C GLY B 392 -14.06 -6.33 -43.36
N ALA B 393 -14.42 -6.63 -42.13
CA ALA B 393 -13.56 -6.29 -40.99
C ALA B 393 -12.31 -7.17 -40.97
N PRO B 394 -11.18 -6.62 -40.77
CA PRO B 394 -9.94 -7.43 -40.69
C PRO B 394 -9.75 -8.04 -39.32
N LEU B 395 -10.63 -8.98 -38.98
CA LEU B 395 -10.56 -9.67 -37.70
C LEU B 395 -9.59 -10.82 -37.83
N ALA B 396 -8.50 -10.77 -37.06
CA ALA B 396 -7.42 -11.74 -37.14
C ALA B 396 -7.53 -12.90 -36.16
N GLY B 397 -8.37 -12.81 -35.13
CA GLY B 397 -8.45 -13.88 -34.16
C GLY B 397 -9.44 -13.56 -33.06
N TYR B 398 -9.66 -14.57 -32.21
CA TYR B 398 -10.63 -14.52 -31.13
C TYR B 398 -10.04 -15.25 -29.92
N PHE B 399 -10.04 -14.59 -28.76
CA PHE B 399 -9.52 -15.14 -27.52
C PHE B 399 -10.67 -15.30 -26.52
N ALA B 400 -10.98 -16.55 -26.15
CA ALA B 400 -12.04 -16.79 -25.17
C ALA B 400 -11.55 -16.42 -23.76
N TRP B 401 -12.31 -15.57 -23.07
CA TRP B 401 -12.05 -15.37 -21.63
C TRP B 401 -12.99 -16.29 -20.86
N SER B 402 -12.48 -17.27 -20.12
CA SER B 402 -11.05 -17.49 -19.85
C SER B 402 -10.70 -18.98 -20.01
N LEU B 403 -9.40 -19.30 -20.08
CA LEU B 403 -8.98 -20.70 -20.11
C LEU B 403 -9.61 -21.49 -18.96
N MET B 404 -9.63 -20.90 -17.77
CA MET B 404 -10.15 -21.57 -16.59
C MET B 404 -10.76 -20.54 -15.68
N ASP B 405 -11.61 -21.01 -14.77
CA ASP B 405 -12.14 -20.19 -13.71
C ASP B 405 -10.98 -19.52 -12.94
N ASN B 406 -11.17 -18.28 -12.49
CA ASN B 406 -10.06 -17.57 -11.83
C ASN B 406 -10.62 -16.46 -10.95
N PHE B 407 -9.71 -15.68 -10.35
CA PHE B 407 -10.08 -14.58 -9.46
C PHE B 407 -10.61 -13.42 -10.29
N GLU B 408 -11.91 -13.17 -10.21
CA GLU B 408 -12.57 -12.10 -10.97
C GLU B 408 -12.63 -10.82 -10.13
N TRP B 409 -11.44 -10.36 -9.72
CA TRP B 409 -11.21 -9.00 -9.20
C TRP B 409 -12.12 -8.76 -8.01
N ALA B 410 -12.84 -7.63 -7.95
CA ALA B 410 -13.64 -7.28 -6.77
C ALA B 410 -14.79 -8.25 -6.54
N ARG B 411 -15.15 -9.05 -7.55
CA ARG B 411 -16.16 -10.07 -7.37
C ARG B 411 -15.60 -11.37 -6.81
N GLY B 412 -14.28 -11.48 -6.63
CA GLY B 412 -13.76 -12.72 -6.09
C GLY B 412 -13.94 -13.87 -7.06
N TYR B 413 -14.05 -15.08 -6.52
CA TYR B 413 -14.11 -16.31 -7.31
C TYR B 413 -15.52 -16.70 -7.73
N ALA B 414 -16.56 -16.03 -7.21
CA ALA B 414 -17.92 -16.42 -7.55
C ALA B 414 -18.19 -16.42 -9.05
N PRO B 415 -17.77 -15.43 -9.85
CA PRO B 415 -18.03 -15.51 -11.30
C PRO B 415 -17.01 -16.42 -11.97
N ARG B 416 -17.48 -17.56 -12.46
CA ARG B 416 -16.62 -18.52 -13.14
C ARG B 416 -16.73 -18.28 -14.64
N PHE B 417 -15.65 -17.77 -15.25
CA PHE B 417 -15.58 -17.52 -16.69
C PHE B 417 -14.89 -18.64 -17.47
N GLY B 418 -14.41 -19.68 -16.80
CA GLY B 418 -13.53 -20.62 -17.46
C GLY B 418 -14.23 -21.52 -18.47
N LEU B 419 -13.50 -21.86 -19.53
CA LEU B 419 -13.83 -23.03 -20.33
C LEU B 419 -13.53 -24.32 -19.58
N ALA B 420 -12.73 -24.23 -18.52
CA ALA B 420 -12.45 -25.35 -17.63
C ALA B 420 -12.78 -24.93 -16.20
N TYR B 421 -13.39 -25.87 -15.46
CA TYR B 421 -13.73 -25.65 -14.07
C TYR B 421 -12.49 -25.82 -13.20
N VAL B 422 -12.37 -24.99 -12.16
CA VAL B 422 -11.28 -25.13 -11.21
C VAL B 422 -11.86 -25.44 -9.83
N ASP B 423 -11.52 -26.60 -9.29
CA ASP B 423 -11.76 -26.89 -7.88
C ASP B 423 -10.63 -26.23 -7.10
N TYR B 424 -10.95 -25.07 -6.50
CA TYR B 424 -9.94 -24.26 -5.84
C TYR B 424 -9.30 -24.95 -4.66
N PRO B 425 -10.01 -25.73 -3.82
CA PRO B 425 -9.32 -26.43 -2.72
C PRO B 425 -8.19 -27.33 -3.18
N THR B 426 -8.30 -27.94 -4.35
CA THR B 426 -7.27 -28.84 -4.85
C THR B 426 -6.53 -28.29 -6.04
N GLY B 427 -7.00 -27.21 -6.65
CA GLY B 427 -6.44 -26.77 -7.90
C GLY B 427 -6.82 -27.63 -9.10
N THR B 428 -7.73 -28.58 -8.94
CA THR B 428 -7.98 -29.50 -10.05
C THR B 428 -8.72 -28.78 -11.19
N ARG B 429 -8.23 -28.89 -12.42
CA ARG B 429 -8.88 -28.28 -13.57
C ARG B 429 -9.53 -29.35 -14.44
N VAL B 430 -10.81 -29.15 -14.80
CA VAL B 430 -11.55 -30.10 -15.63
C VAL B 430 -12.31 -29.34 -16.72
N MET B 431 -12.03 -29.66 -17.99
CA MET B 431 -12.69 -28.95 -19.09
C MET B 431 -14.20 -29.10 -19.02
N LYS B 432 -14.91 -27.98 -19.17
CA LYS B 432 -16.37 -27.99 -19.20
C LYS B 432 -16.87 -28.33 -20.61
N THR B 433 -18.19 -28.49 -20.71
CA THR B 433 -18.80 -28.66 -22.03
C THR B 433 -18.41 -27.54 -22.99
N SER B 434 -18.36 -26.30 -22.49
CA SER B 434 -18.03 -25.17 -23.36
C SER B 434 -16.62 -25.31 -23.95
N GLY B 435 -15.64 -25.67 -23.12
CA GLY B 435 -14.28 -25.83 -23.64
C GLY B 435 -14.17 -26.96 -24.66
N LYS B 436 -14.85 -28.08 -24.39
CA LYS B 436 -14.84 -29.19 -25.35
C LYS B 436 -15.54 -28.79 -26.65
N ARG B 437 -16.60 -28.00 -26.54
CA ARG B 437 -17.27 -27.46 -27.73
C ARG B 437 -16.34 -26.52 -28.50
N TYR B 438 -15.59 -25.69 -27.79
CA TYR B 438 -14.65 -24.79 -28.45
C TYR B 438 -13.61 -25.57 -29.22
N ALA B 439 -13.09 -26.65 -28.62
CA ALA B 439 -12.14 -27.50 -29.33
C ALA B 439 -12.77 -28.08 -30.60
N ASP B 440 -14.02 -28.56 -30.50
CA ASP B 440 -14.71 -29.07 -31.69
C ASP B 440 -14.89 -27.98 -32.75
N LEU B 441 -15.19 -26.76 -32.33
CA LEU B 441 -15.38 -25.65 -33.27
C LEU B 441 -14.09 -25.31 -33.99
N ILE B 442 -12.98 -25.22 -33.26
CA ILE B 442 -11.69 -24.98 -33.88
C ILE B 442 -11.38 -26.09 -34.89
N ARG B 443 -11.56 -27.35 -34.46
CA ARG B 443 -11.30 -28.48 -35.35
C ARG B 443 -12.15 -28.40 -36.61
N GLY B 444 -13.44 -28.10 -36.47
CA GLY B 444 -14.30 -27.98 -37.63
C GLY B 444 -13.89 -26.85 -38.57
N HIS B 445 -13.47 -25.72 -38.00
CA HIS B 445 -13.01 -24.62 -38.84
C HIS B 445 -11.78 -25.03 -39.65
N ARG B 446 -10.83 -25.72 -39.02
CA ARG B 446 -9.58 -26.09 -39.67
C ARG B 446 -9.76 -27.26 -40.60
N GLU B 447 -10.93 -27.83 -40.65
CA GLU B 447 -11.17 -29.06 -41.38
C GLU B 447 -11.82 -28.81 -42.72
C TRS C . 11.10 2.54 19.90
C1 TRS C . 10.64 1.30 20.68
C2 TRS C . 12.40 3.06 20.49
C3 TRS C . 11.28 2.23 18.42
N TRS C . 10.08 3.57 20.05
O1 TRS C . 9.55 0.68 20.06
O2 TRS C . 12.98 4.14 19.77
O3 TRS C . 12.17 1.13 18.30
C TRS D . -12.44 -8.43 -17.31
C1 TRS D . -12.59 -9.89 -16.92
C2 TRS D . -12.40 -7.58 -16.04
C3 TRS D . -13.63 -8.07 -18.21
N TRS D . -11.17 -8.31 -18.05
O1 TRS D . -11.73 -10.20 -15.85
O2 TRS D . -13.66 -7.59 -15.38
O3 TRS D . -13.58 -6.72 -18.69
#